data_7A1F
#
_entry.id   7A1F
#
_cell.length_a   50.121
_cell.length_b   54.183
_cell.length_c   72.109
_cell.angle_alpha   75.480
_cell.angle_beta   74.330
_cell.angle_gamma   63.090
#
_symmetry.space_group_name_H-M   'P 1'
#
loop_
_entity.id
_entity.type
_entity.pdbx_description
1 polymer "5' exonuclease Apollo"
2 non-polymer 'FE (III) ION'
3 non-polymer 'NICKEL (II) ION'
4 non-polymer "2'-DEOXYADENOSINE-5'-MONOPHOSPHATE"
5 water water
#
_entity_poly.entity_id   1
_entity_poly.type   'polypeptide(L)'
_entity_poly.pdbx_seq_one_letter_code
;(AME)NGVLIPHTPIAVDFWSLRRAGTARLFFLSHMHSDHTVGLSSTWARPLYCSPITAHLLHRHLQVSKQWIQALEVGE
SHVLPLDEIGQETMTVTLLDANHCPGSVMFLFEGYFGTILYTGDFRYTPSMLKEPALTLGKQIHTLYLDNTNCNPALVLP
SRQEAAHQIVQLIRKHPQHNIKIGLYSLGKESLLEQLALEFQTWVVLSPRRLELVQLLGLADVFTVEEKAGRIHAVDHME
ICHSNMLRWNQTHPTIAILPTSRKIHSSHPDIHVIPYSDHSSYSELRAFVAALKPCQVVPIVSRRPCGGFQDSLSPRISV
PLIPDSVQQYMSSSSRKPSAENLYFQ
;
_entity_poly.pdbx_strand_id   A,L
#
# COMPACT_ATOMS: atom_id res chain seq x y z
N ASN A 2 2.86 6.07 9.54
CA ASN A 2 3.18 7.36 10.15
C ASN A 2 4.33 7.26 11.15
N GLY A 3 5.45 6.72 10.68
CA GLY A 3 6.69 6.64 11.46
C GLY A 3 7.78 7.52 10.88
N VAL A 4 8.83 7.79 11.66
CA VAL A 4 9.85 8.77 11.26
C VAL A 4 11.24 8.21 11.53
N LEU A 5 12.17 8.50 10.63
CA LEU A 5 13.60 8.30 10.90
C LEU A 5 14.18 9.66 11.25
N ILE A 6 14.59 9.84 12.50
CA ILE A 6 15.05 11.15 12.92
C ILE A 6 16.43 11.39 12.34
N PRO A 7 16.62 12.44 11.55
CA PRO A 7 17.88 12.60 10.81
C PRO A 7 19.01 13.03 11.73
N HIS A 8 20.22 12.62 11.35
CA HIS A 8 21.44 12.90 12.10
C HIS A 8 21.48 12.15 13.41
N THR A 9 20.68 11.09 13.56
CA THR A 9 20.66 10.29 14.78
C THR A 9 20.43 8.83 14.42
N PRO A 10 20.65 7.91 15.36
CA PRO A 10 20.29 6.52 15.08
C PRO A 10 18.87 6.19 15.54
N ILE A 11 18.00 7.18 15.64
CA ILE A 11 16.68 7.01 16.24
C ILE A 11 15.62 6.78 15.17
N ALA A 12 14.79 5.78 15.39
CA ALA A 12 13.58 5.56 14.62
C ALA A 12 12.39 5.47 15.58
N VAL A 13 11.25 6.00 15.16
CA VAL A 13 10.01 5.88 15.92
C VAL A 13 8.93 5.37 14.97
N ASP A 14 8.27 4.28 15.37
CA ASP A 14 7.12 3.74 14.63
C ASP A 14 7.51 3.43 13.19
N PHE A 15 8.75 2.96 13.01
CA PHE A 15 9.34 2.76 11.68
C PHE A 15 10.08 1.43 11.71
N TRP A 16 9.62 0.45 10.93
CA TRP A 16 10.05 -0.92 11.13
C TRP A 16 10.58 -1.61 9.88
N SER A 17 10.64 -0.93 8.75
CA SER A 17 11.23 -1.55 7.56
C SER A 17 12.73 -1.39 7.65
N LEU A 18 13.41 -2.47 8.05
CA LEU A 18 14.85 -2.39 8.26
C LEU A 18 15.58 -1.95 6.99
N ARG A 19 15.17 -2.48 5.83
CA ARG A 19 15.87 -2.15 4.60
C ARG A 19 15.91 -0.65 4.34
N ARG A 20 14.98 0.12 4.90
CA ARG A 20 15.04 1.58 4.86
C ARG A 20 15.81 2.18 6.03
N ALA A 21 16.06 1.39 7.08
CA ALA A 21 16.61 1.94 8.31
C ALA A 21 18.07 1.52 8.49
N GLY A 22 18.90 1.83 7.48
CA GLY A 22 20.26 1.34 7.47
C GLY A 22 21.12 1.90 8.58
N THR A 23 20.90 3.15 8.98
CA THR A 23 21.66 3.77 10.06
C THR A 23 20.89 3.92 11.36
N ALA A 24 19.65 3.41 11.44
CA ALA A 24 18.90 3.48 12.70
C ALA A 24 19.25 2.28 13.58
N ARG A 25 19.40 2.53 14.88
CA ARG A 25 19.72 1.46 15.82
C ARG A 25 18.82 1.43 17.04
N LEU A 26 18.18 2.55 17.39
CA LEU A 26 17.30 2.65 18.54
C LEU A 26 15.87 2.79 18.03
N PHE A 27 15.03 1.79 18.32
CA PHE A 27 13.67 1.73 17.80
C PHE A 27 12.66 1.90 18.92
N PHE A 28 11.68 2.76 18.69
CA PHE A 28 10.66 3.13 19.65
C PHE A 28 9.28 2.96 19.03
N LEU A 29 8.32 2.54 19.85
CA LEU A 29 6.94 2.34 19.42
C LEU A 29 6.05 3.20 20.30
N SER A 30 5.37 4.18 19.70
CA SER A 30 4.54 5.10 20.46
C SER A 30 3.24 4.46 20.94
N HIS A 31 2.61 3.63 20.10
CA HIS A 31 1.35 2.97 20.49
C HIS A 31 0.98 1.96 19.41
N MET A 32 0.01 1.10 19.74
CA MET A 32 -0.27 -0.13 18.99
C MET A 32 -1.32 0.00 17.89
N HIS A 33 -1.58 1.20 17.38
CA HIS A 33 -2.42 1.29 16.20
C HIS A 33 -1.63 0.84 14.94
N SER A 34 -2.35 0.24 13.98
CA SER A 34 -1.70 -0.44 12.87
C SER A 34 -0.87 0.49 11.99
N ASP A 35 -1.27 1.76 11.86
CA ASP A 35 -0.48 2.67 11.04
C ASP A 35 0.86 3.03 11.68
N HIS A 36 1.13 2.54 12.90
CA HIS A 36 2.39 2.77 13.61
C HIS A 36 3.19 1.48 13.77
N THR A 37 2.69 0.36 13.24
CA THR A 37 3.41 -0.90 13.31
C THR A 37 3.59 -1.56 11.94
N VAL A 38 3.51 -0.77 10.86
CA VAL A 38 3.68 -1.30 9.50
C VAL A 38 5.06 -1.97 9.41
N GLY A 39 5.06 -3.28 9.17
CA GLY A 39 6.28 -4.04 9.02
C GLY A 39 6.79 -4.71 10.28
N LEU A 40 6.08 -4.58 11.38
CA LEU A 40 6.49 -5.13 12.67
C LEU A 40 5.70 -6.40 12.94
N SER A 41 6.39 -7.51 13.07
CA SER A 41 5.75 -8.80 13.28
C SER A 41 6.71 -9.67 14.08
N SER A 42 6.42 -10.97 14.13
CA SER A 42 7.26 -11.90 14.87
C SER A 42 8.67 -12.01 14.28
N THR A 43 8.92 -11.49 13.08
CA THR A 43 10.27 -11.47 12.52
C THR A 43 11.15 -10.39 13.14
N TRP A 44 10.62 -9.53 14.01
CA TRP A 44 11.46 -8.47 14.58
C TRP A 44 12.49 -9.08 15.53
N ALA A 45 13.74 -8.62 15.40
CA ALA A 45 14.83 -9.17 16.20
C ALA A 45 15.82 -8.08 16.60
N ARG A 46 15.34 -6.92 17.00
CA ARG A 46 16.14 -5.85 17.57
C ARG A 46 15.50 -5.38 18.86
N PRO A 47 16.26 -4.71 19.73
CA PRO A 47 15.64 -4.08 20.90
C PRO A 47 14.57 -3.09 20.47
N LEU A 48 13.51 -3.02 21.26
CA LEU A 48 12.36 -2.20 20.94
C LEU A 48 11.87 -1.57 22.24
N TYR A 49 11.73 -0.24 22.27
CA TYR A 49 11.35 0.45 23.48
C TYR A 49 9.93 0.99 23.36
N CYS A 50 9.12 0.76 24.41
CA CYS A 50 7.74 1.23 24.44
C CYS A 50 7.26 1.26 25.89
N SER A 51 6.04 1.72 26.07
CA SER A 51 5.37 1.71 27.37
C SER A 51 5.02 0.29 27.82
N PRO A 52 4.83 0.09 29.11
CA PRO A 52 4.42 -1.25 29.59
C PRO A 52 3.15 -1.80 28.94
N ILE A 53 2.12 -0.97 28.74
CA ILE A 53 0.88 -1.50 28.16
C ILE A 53 1.09 -1.80 26.67
N THR A 54 1.82 -0.93 25.97
CA THR A 54 2.18 -1.23 24.59
C THR A 54 2.99 -2.52 24.50
N ALA A 55 3.92 -2.72 25.43
CA ALA A 55 4.71 -3.94 25.44
C ALA A 55 3.83 -5.17 25.57
N HIS A 56 2.86 -5.13 26.49
CA HIS A 56 1.96 -6.26 26.67
C HIS A 56 1.15 -6.52 25.42
N LEU A 57 0.67 -5.46 24.77
CA LEU A 57 -0.16 -5.61 23.59
C LEU A 57 0.65 -6.06 22.38
N LEU A 58 1.86 -5.55 22.24
CA LEU A 58 2.72 -5.88 21.10
C LEU A 58 3.04 -7.37 21.07
N HIS A 59 3.44 -7.93 22.21
CA HIS A 59 3.69 -9.36 22.29
C HIS A 59 2.42 -10.16 22.03
N ARG A 60 1.30 -9.70 22.59
CA ARG A 60 0.08 -10.51 22.55
C ARG A 60 -0.49 -10.59 21.15
N HIS A 61 -0.48 -9.48 20.40
CA HIS A 61 -1.20 -9.42 19.15
C HIS A 61 -0.33 -9.43 17.92
N LEU A 62 0.97 -9.17 18.06
CA LEU A 62 1.90 -9.22 16.94
C LEU A 62 3.00 -10.24 17.12
N GLN A 63 3.07 -10.90 18.28
CA GLN A 63 4.01 -11.99 18.49
C GLN A 63 5.44 -11.54 18.28
N VAL A 64 5.75 -10.32 18.71
CA VAL A 64 7.14 -9.95 18.85
C VAL A 64 7.70 -10.66 20.07
N SER A 65 8.90 -11.21 19.94
CA SER A 65 9.50 -11.92 21.06
C SER A 65 9.72 -10.99 22.25
N LYS A 66 9.38 -11.48 23.44
CA LYS A 66 9.62 -10.69 24.65
C LYS A 66 11.06 -10.22 24.75
N GLN A 67 12.02 -11.03 24.27
CA GLN A 67 13.43 -10.71 24.44
C GLN A 67 13.80 -9.40 23.76
N TRP A 68 13.04 -8.97 22.76
CA TRP A 68 13.30 -7.73 22.07
C TRP A 68 12.51 -6.55 22.61
N ILE A 69 11.54 -6.78 23.50
CA ILE A 69 10.65 -5.73 23.97
C ILE A 69 11.19 -5.19 25.28
N GLN A 70 11.52 -3.90 25.28
CA GLN A 70 12.04 -3.21 26.47
C GLN A 70 10.99 -2.19 26.88
N ALA A 71 10.12 -2.59 27.81
CA ALA A 71 9.17 -1.64 28.36
C ALA A 71 9.92 -0.64 29.23
N LEU A 72 9.61 0.64 29.04
CA LEU A 72 10.11 1.72 29.88
C LEU A 72 8.95 2.35 30.64
N GLU A 73 9.11 2.51 31.95
CA GLU A 73 8.03 3.11 32.74
C GLU A 73 7.79 4.57 32.32
N VAL A 74 6.51 4.93 32.16
CA VAL A 74 6.13 6.27 31.73
C VAL A 74 6.45 7.30 32.82
N GLY A 75 6.98 8.45 32.41
CA GLY A 75 7.26 9.56 33.31
C GLY A 75 8.59 9.49 34.03
N GLU A 76 9.45 8.58 33.65
CA GLU A 76 10.76 8.39 34.27
C GLU A 76 11.83 8.57 33.19
N SER A 77 12.90 9.30 33.51
CA SER A 77 13.98 9.42 32.54
C SER A 77 14.78 8.13 32.49
N HIS A 78 15.20 7.73 31.28
CA HIS A 78 15.94 6.49 31.06
C HIS A 78 17.17 6.82 30.23
N VAL A 79 18.32 6.32 30.65
CA VAL A 79 19.56 6.55 29.92
C VAL A 79 19.78 5.38 28.98
N LEU A 80 19.96 5.69 27.69
CA LEU A 80 20.12 4.65 26.69
C LEU A 80 21.42 4.84 25.92
N PRO A 81 22.13 3.76 25.61
CA PRO A 81 23.43 3.91 24.93
C PRO A 81 23.25 4.26 23.46
N LEU A 82 24.10 5.15 22.97
CA LEU A 82 24.14 5.51 21.56
C LEU A 82 25.34 4.93 20.83
N ASP A 83 26.09 4.04 21.47
CA ASP A 83 27.13 3.27 20.79
C ASP A 83 27.32 1.96 21.54
N GLU A 84 28.35 1.20 21.17
CA GLU A 84 28.65 -0.08 21.80
C GLU A 84 29.97 -0.07 22.55
N ILE A 85 30.52 1.10 22.86
CA ILE A 85 31.79 1.18 23.59
C ILE A 85 31.62 1.93 24.91
N GLY A 86 30.39 2.02 25.41
CA GLY A 86 30.16 2.63 26.70
C GLY A 86 30.44 4.11 26.77
N GLN A 87 30.31 4.84 25.66
CA GLN A 87 30.65 6.27 25.67
C GLN A 87 29.44 7.18 25.59
N GLU A 88 28.84 7.27 24.42
CA GLU A 88 27.78 8.24 24.19
C GLU A 88 26.44 7.66 24.63
N THR A 89 25.65 8.47 25.32
CA THR A 89 24.32 8.06 25.75
C THR A 89 23.34 9.17 25.44
N MET A 90 22.06 8.80 25.47
CA MET A 90 20.99 9.79 25.47
C MET A 90 20.03 9.46 26.59
N THR A 91 19.16 10.42 26.88
CA THR A 91 18.09 10.26 27.85
C THR A 91 16.76 10.30 27.10
N VAL A 92 15.89 9.35 27.42
CA VAL A 92 14.55 9.35 26.85
C VAL A 92 13.57 9.34 28.01
N THR A 93 12.60 10.23 27.95
CA THR A 93 11.49 10.23 28.88
C THR A 93 10.23 9.96 28.07
N LEU A 94 9.47 8.94 28.48
CA LEU A 94 8.14 8.70 27.94
C LEU A 94 7.13 9.55 28.73
N LEU A 95 6.28 10.27 28.02
CA LEU A 95 5.19 11.04 28.62
C LEU A 95 3.85 10.55 28.08
N ASP A 96 2.82 10.59 28.92
CA ASP A 96 1.49 10.17 28.50
C ASP A 96 1.02 10.99 27.30
N ALA A 97 0.64 10.31 26.22
CA ALA A 97 0.13 10.99 25.04
C ALA A 97 -1.38 11.20 25.09
N ASN A 98 -2.07 10.49 25.97
CA ASN A 98 -3.50 10.73 26.16
C ASN A 98 -4.29 10.44 24.90
N HIS A 99 -3.80 9.49 24.11
CA HIS A 99 -4.38 9.09 22.84
C HIS A 99 -5.19 7.80 22.97
N CYS A 100 -4.55 6.75 23.52
CA CYS A 100 -5.16 5.43 23.70
C CYS A 100 -4.30 4.64 24.67
N PRO A 101 -4.80 3.52 25.17
CA PRO A 101 -4.00 2.71 26.11
C PRO A 101 -2.61 2.45 25.58
N GLY A 102 -1.61 2.80 26.39
CA GLY A 102 -0.22 2.59 26.07
C GLY A 102 0.44 3.71 25.33
N SER A 103 -0.31 4.73 24.93
CA SER A 103 0.25 5.76 24.05
C SER A 103 1.17 6.70 24.83
N VAL A 104 2.33 7.00 24.24
CA VAL A 104 3.30 7.89 24.86
C VAL A 104 3.86 8.83 23.81
N MET A 105 4.35 9.97 24.30
CA MET A 105 5.29 10.85 23.61
C MET A 105 6.70 10.51 24.09
N PHE A 106 7.69 10.80 23.25
CA PHE A 106 9.09 10.60 23.60
C PHE A 106 9.81 11.94 23.63
N LEU A 107 10.42 12.27 24.78
CA LEU A 107 11.38 13.37 24.87
C LEU A 107 12.79 12.78 24.79
N PHE A 108 13.50 13.08 23.70
CA PHE A 108 14.87 12.62 23.50
C PHE A 108 15.85 13.75 23.80
N GLU A 109 16.91 13.43 24.55
CA GLU A 109 17.93 14.42 24.87
C GLU A 109 19.32 13.83 24.66
N GLY A 110 20.19 14.58 24.01
CA GLY A 110 21.55 14.09 23.79
C GLY A 110 22.32 15.04 22.89
N TYR A 111 23.37 14.50 22.30
CA TYR A 111 24.22 15.32 21.43
C TYR A 111 23.39 16.07 20.39
N PHE A 112 22.28 15.47 19.93
CA PHE A 112 21.45 16.03 18.87
C PHE A 112 20.54 17.16 19.34
N GLY A 113 20.47 17.40 20.65
CA GLY A 113 19.66 18.43 21.22
C GLY A 113 18.50 17.81 21.98
N THR A 114 17.38 18.52 22.02
CA THR A 114 16.20 18.07 22.73
C THR A 114 15.11 17.91 21.69
N ILE A 115 14.58 16.70 21.56
CA ILE A 115 13.53 16.42 20.59
C ILE A 115 12.33 15.90 21.35
N LEU A 116 11.17 16.54 21.15
CA LEU A 116 9.88 16.01 21.61
C LEU A 116 9.11 15.38 20.44
N TYR A 117 8.79 14.10 20.57
CA TYR A 117 8.05 13.34 19.56
C TYR A 117 6.71 12.93 20.15
N THR A 118 5.62 13.55 19.69
CA THR A 118 4.34 13.32 20.33
C THR A 118 3.71 11.98 19.99
N GLY A 119 4.10 11.35 18.87
CA GLY A 119 3.23 10.27 18.37
C GLY A 119 1.85 10.83 18.09
N ASP A 120 0.83 9.97 18.17
CA ASP A 120 -0.54 10.47 18.25
C ASP A 120 -0.84 10.92 19.68
N PHE A 121 -1.48 12.07 19.81
CA PHE A 121 -1.80 12.53 21.15
C PHE A 121 -3.02 13.44 21.12
N ARG A 122 -3.68 13.58 22.26
CA ARG A 122 -4.69 14.61 22.43
C ARG A 122 -4.22 15.56 23.53
N TYR A 123 -3.93 16.79 23.14
CA TYR A 123 -3.45 17.80 24.07
C TYR A 123 -4.45 18.05 25.18
N THR A 124 -3.93 18.26 26.39
CA THR A 124 -4.68 18.78 27.53
C THR A 124 -3.72 19.70 28.27
N PRO A 125 -4.24 20.75 28.93
CA PRO A 125 -3.33 21.65 29.66
C PRO A 125 -2.46 20.96 30.70
N SER A 126 -2.93 19.85 31.27
CA SER A 126 -2.11 19.05 32.18
C SER A 126 -0.82 18.60 31.52
N MET A 127 -0.85 18.36 30.21
CA MET A 127 0.33 17.92 29.50
C MET A 127 1.52 18.85 29.74
N LEU A 128 1.26 20.16 29.75
CA LEU A 128 2.32 21.15 29.96
C LEU A 128 2.82 21.20 31.42
N LYS A 129 2.04 20.71 32.38
CA LYS A 129 2.49 20.62 33.77
C LYS A 129 3.43 19.44 34.01
N GLU A 130 3.70 18.62 33.00
CA GLU A 130 4.64 17.52 33.15
C GLU A 130 5.97 18.05 33.66
N PRO A 131 6.52 17.50 34.73
CA PRO A 131 7.83 17.99 35.21
C PRO A 131 8.88 18.03 34.11
N ALA A 132 8.91 17.03 33.22
CA ALA A 132 9.97 17.00 32.20
C ALA A 132 9.89 18.18 31.25
N LEU A 133 8.75 18.84 31.16
CA LEU A 133 8.54 19.96 30.26
C LEU A 133 8.46 21.30 30.99
N THR A 134 8.75 21.32 32.28
CA THR A 134 8.63 22.54 33.08
C THR A 134 10.00 22.96 33.60
N LEU A 135 11.07 22.56 32.92
CA LEU A 135 12.43 22.92 33.29
C LEU A 135 13.02 24.00 32.41
N GLY A 136 12.27 24.52 31.44
CA GLY A 136 12.78 25.55 30.57
C GLY A 136 13.69 25.07 29.46
N LYS A 137 13.81 23.77 29.26
CA LYS A 137 14.65 23.28 28.17
C LYS A 137 14.06 23.68 26.83
N GLN A 138 14.95 24.00 25.90
CA GLN A 138 14.52 24.44 24.57
C GLN A 138 14.39 23.20 23.69
N ILE A 139 13.19 22.97 23.20
CA ILE A 139 12.95 21.87 22.27
C ILE A 139 13.41 22.31 20.89
N HIS A 140 14.28 21.51 20.27
CA HIS A 140 14.80 21.86 18.95
C HIS A 140 13.85 21.44 17.84
N THR A 141 13.41 20.18 17.83
CA THR A 141 12.43 19.69 16.87
C THR A 141 11.25 19.10 17.62
N LEU A 142 10.04 19.56 17.28
CA LEU A 142 8.79 18.99 17.78
C LEU A 142 8.15 18.23 16.63
N TYR A 143 8.22 16.89 16.67
CA TYR A 143 7.48 16.03 15.76
C TYR A 143 6.05 15.92 16.26
N LEU A 144 5.08 16.33 15.44
CA LEU A 144 3.75 16.68 15.91
C LEU A 144 2.67 15.84 15.22
N ASP A 145 1.68 15.40 16.00
CA ASP A 145 0.50 14.71 15.44
C ASP A 145 -0.40 15.74 14.77
N ASN A 146 -0.32 15.83 13.45
CA ASN A 146 -1.03 16.86 12.71
C ASN A 146 -2.33 16.34 12.07
N THR A 147 -2.83 15.20 12.55
CA THR A 147 -4.03 14.60 11.97
C THR A 147 -5.14 15.63 11.74
N ASN A 148 -5.52 16.38 12.79
CA ASN A 148 -6.62 17.33 12.73
C ASN A 148 -6.14 18.78 12.57
N CYS A 149 -5.00 18.98 11.91
CA CYS A 149 -4.42 20.32 11.76
C CYS A 149 -5.09 21.04 10.59
N ASN A 150 -6.35 21.41 10.83
CA ASN A 150 -7.19 22.10 9.86
C ASN A 150 -7.95 23.21 10.58
N PRO A 151 -7.66 24.47 10.29
CA PRO A 151 -8.28 25.56 11.07
C PRO A 151 -9.79 25.57 10.98
N ALA A 152 -10.37 24.85 10.03
CA ALA A 152 -11.81 24.83 9.85
C ALA A 152 -12.50 23.74 10.66
N LEU A 153 -11.79 22.67 11.00
CA LEU A 153 -12.32 21.59 11.83
C LEU A 153 -12.27 22.02 13.28
N VAL A 154 -13.44 22.30 13.86
CA VAL A 154 -13.56 22.61 15.28
C VAL A 154 -14.08 21.38 15.98
N LEU A 155 -13.48 21.05 17.12
CA LEU A 155 -13.84 19.87 17.88
C LEU A 155 -14.18 20.23 19.32
N PRO A 156 -15.15 19.55 19.91
CA PRO A 156 -15.35 19.66 21.34
C PRO A 156 -14.27 18.92 22.09
N SER A 157 -14.22 19.16 23.39
CA SER A 157 -13.44 18.32 24.27
C SER A 157 -14.04 16.93 24.31
N ARG A 158 -13.22 15.94 24.63
CA ARG A 158 -13.77 14.60 24.82
C ARG A 158 -14.94 14.62 25.82
N GLN A 159 -14.81 15.41 26.88
CA GLN A 159 -15.89 15.44 27.87
C GLN A 159 -17.17 16.00 27.28
N GLU A 160 -17.05 17.05 26.45
CA GLU A 160 -18.24 17.62 25.83
C GLU A 160 -18.87 16.66 24.82
N ALA A 161 -18.04 16.01 23.99
CA ALA A 161 -18.57 15.04 23.03
C ALA A 161 -19.20 13.85 23.73
N ALA A 162 -18.57 13.36 24.81
CA ALA A 162 -19.18 12.29 25.59
C ALA A 162 -20.54 12.69 26.11
N HIS A 163 -20.68 13.96 26.53
CA HIS A 163 -21.96 14.44 27.02
C HIS A 163 -23.01 14.42 25.93
N GLN A 164 -22.64 14.79 24.70
CA GLN A 164 -23.55 14.67 23.57
C GLN A 164 -24.04 13.23 23.41
N ILE A 165 -23.13 12.26 23.56
CA ILE A 165 -23.49 10.86 23.41
C ILE A 165 -24.46 10.44 24.50
N VAL A 166 -24.17 10.84 25.74
CA VAL A 166 -25.10 10.60 26.83
C VAL A 166 -26.46 11.18 26.52
N GLN A 167 -26.51 12.39 25.99
CA GLN A 167 -27.81 13.01 25.71
C GLN A 167 -28.57 12.22 24.65
N LEU A 168 -27.85 11.69 23.65
CA LEU A 168 -28.49 10.89 22.62
C LEU A 168 -29.04 9.59 23.20
N ILE A 169 -28.24 8.91 24.01
CA ILE A 169 -28.68 7.61 24.52
C ILE A 169 -29.86 7.77 25.47
N ARG A 170 -29.94 8.89 26.19
CA ARG A 170 -31.07 9.12 27.09
C ARG A 170 -32.40 9.17 26.34
N LYS A 171 -32.37 9.52 25.07
CA LYS A 171 -33.60 9.56 24.29
C LYS A 171 -34.11 8.18 23.89
N HIS A 172 -33.36 7.11 24.15
CA HIS A 172 -33.71 5.78 23.66
C HIS A 172 -33.47 4.74 24.74
N PRO A 173 -34.22 4.82 25.85
CA PRO A 173 -34.00 3.86 26.94
C PRO A 173 -34.24 2.41 26.57
N GLN A 174 -35.04 2.12 25.52
CA GLN A 174 -35.35 0.75 25.15
C GLN A 174 -34.40 0.21 24.08
N HIS A 175 -33.34 0.93 23.72
CA HIS A 175 -32.52 0.62 22.55
C HIS A 175 -31.17 0.06 22.96
N ASN A 176 -30.64 -0.86 22.16
CA ASN A 176 -29.23 -1.19 22.23
C ASN A 176 -28.46 -0.12 21.50
N ILE A 177 -27.23 0.13 21.96
CA ILE A 177 -26.36 1.18 21.45
C ILE A 177 -25.09 0.52 20.93
N LYS A 178 -24.93 0.49 19.61
CA LYS A 178 -23.67 0.05 19.02
C LYS A 178 -22.69 1.22 18.99
N ILE A 179 -21.49 1.01 19.54
CA ILE A 179 -20.42 2.01 19.54
C ILE A 179 -19.32 1.47 18.64
N GLY A 180 -19.15 2.09 17.47
CA GLY A 180 -18.17 1.60 16.52
C GLY A 180 -16.80 2.15 16.83
N LEU A 181 -15.83 1.27 17.07
CA LEU A 181 -14.51 1.64 17.57
C LEU A 181 -13.42 1.05 16.70
N TYR A 182 -12.21 1.61 16.81
CA TYR A 182 -11.07 0.86 16.31
C TYR A 182 -10.76 -0.28 17.27
N SER A 183 -9.74 -1.06 16.92
CA SER A 183 -9.36 -2.21 17.73
C SER A 183 -8.87 -1.80 19.11
N LEU A 184 -8.38 -0.59 19.26
CA LEU A 184 -7.79 -0.13 20.49
C LEU A 184 -8.15 1.32 20.72
N GLY A 185 -8.61 1.65 21.91
CA GLY A 185 -8.93 3.03 22.22
C GLY A 185 -10.37 3.25 22.60
N LYS A 186 -10.63 4.35 23.32
CA LYS A 186 -11.97 4.79 23.72
C LYS A 186 -12.62 3.87 24.75
N GLU A 187 -11.84 3.01 25.39
CA GLU A 187 -12.37 2.18 26.47
C GLU A 187 -12.90 3.03 27.63
N SER A 188 -12.31 4.21 27.86
CA SER A 188 -12.81 5.09 28.91
C SER A 188 -14.19 5.63 28.60
N LEU A 189 -14.49 5.86 27.31
CA LEU A 189 -15.84 6.30 26.93
C LEU A 189 -16.85 5.19 27.20
N LEU A 190 -16.52 3.96 26.80
CA LEU A 190 -17.37 2.82 27.12
C LEU A 190 -17.61 2.73 28.62
N GLU A 191 -16.57 2.95 29.44
CA GLU A 191 -16.77 2.87 30.89
C GLU A 191 -17.77 3.92 31.36
N GLN A 192 -17.56 5.18 30.95
CA GLN A 192 -18.45 6.25 31.36
C GLN A 192 -19.90 5.93 30.99
N LEU A 193 -20.11 5.40 29.78
CA LEU A 193 -21.45 5.10 29.32
C LEU A 193 -22.10 4.00 30.15
N ALA A 194 -21.36 2.93 30.44
CA ALA A 194 -21.94 1.85 31.22
C ALA A 194 -22.35 2.34 32.61
N LEU A 195 -21.53 3.20 33.22
CA LEU A 195 -21.84 3.72 34.55
C LEU A 195 -23.01 4.67 34.51
N GLU A 196 -23.09 5.50 33.46
CA GLU A 196 -24.19 6.44 33.36
C GLU A 196 -25.53 5.73 33.28
N PHE A 197 -25.62 4.71 32.44
CA PHE A 197 -26.88 4.01 32.17
C PHE A 197 -27.02 2.71 32.96
N GLN A 198 -26.14 2.49 33.95
CA GLN A 198 -26.24 1.33 34.82
C GLN A 198 -26.46 0.06 34.01
N THR A 199 -25.57 -0.18 33.05
CA THR A 199 -25.67 -1.37 32.23
C THR A 199 -24.25 -1.86 31.97
N TRP A 200 -24.15 -3.00 31.30
CA TRP A 200 -22.88 -3.61 30.94
C TRP A 200 -22.51 -3.25 29.52
N VAL A 201 -21.21 -3.24 29.27
CA VAL A 201 -20.67 -3.10 27.92
C VAL A 201 -20.31 -4.48 27.42
N VAL A 202 -20.85 -4.87 26.27
CA VAL A 202 -20.49 -6.14 25.64
C VAL A 202 -19.30 -5.91 24.71
N LEU A 203 -18.21 -6.64 24.96
CA LEU A 203 -16.95 -6.53 24.24
C LEU A 203 -16.52 -7.87 23.67
N SER A 204 -15.58 -7.81 22.73
CA SER A 204 -14.87 -9.00 22.29
C SER A 204 -13.91 -9.47 23.38
N PRO A 205 -13.51 -10.74 23.34
CA PRO A 205 -12.53 -11.20 24.35
C PRO A 205 -11.21 -10.44 24.28
N ARG A 206 -10.73 -10.09 23.09
CA ARG A 206 -9.52 -9.30 22.98
C ARG A 206 -9.64 -7.98 23.73
N ARG A 207 -10.74 -7.24 23.50
CA ARG A 207 -10.83 -5.96 24.20
C ARG A 207 -11.02 -6.16 25.70
N LEU A 208 -11.71 -7.23 26.13
CA LEU A 208 -11.84 -7.45 27.57
C LEU A 208 -10.47 -7.66 28.20
N GLU A 209 -9.59 -8.36 27.50
CA GLU A 209 -8.23 -8.55 28.00
C GLU A 209 -7.55 -7.20 28.25
N LEU A 210 -7.60 -6.31 27.25
CA LEU A 210 -6.98 -4.99 27.42
C LEU A 210 -7.61 -4.21 28.57
N VAL A 211 -8.94 -4.27 28.69
CA VAL A 211 -9.61 -3.49 29.74
C VAL A 211 -9.06 -3.88 31.11
N GLN A 212 -8.61 -5.13 31.26
CA GLN A 212 -8.06 -5.56 32.53
C GLN A 212 -6.83 -4.75 32.92
N LEU A 213 -6.11 -4.15 31.97
CA LEU A 213 -4.92 -3.40 32.30
C LEU A 213 -5.20 -1.96 32.71
N LEU A 214 -6.43 -1.48 32.54
CA LEU A 214 -6.72 -0.05 32.61
C LEU A 214 -7.25 0.42 33.95
N GLY A 215 -7.54 -0.49 34.88
CA GLY A 215 -8.12 -0.07 36.15
C GLY A 215 -9.49 0.57 36.03
N LEU A 216 -10.31 0.09 35.10
CA LEU A 216 -11.65 0.61 34.90
C LEU A 216 -12.66 -0.23 35.68
N ALA A 217 -13.86 0.32 35.85
CA ALA A 217 -14.89 -0.35 36.64
C ALA A 217 -15.23 -1.73 36.04
N ASP A 218 -15.80 -2.58 36.90
CA ASP A 218 -16.24 -3.92 36.53
C ASP A 218 -17.57 -3.81 35.81
N VAL A 219 -17.51 -3.35 34.56
CA VAL A 219 -18.73 -3.07 33.79
C VAL A 219 -18.64 -3.67 32.40
N PHE A 220 -17.64 -4.51 32.18
CA PHE A 220 -17.42 -5.12 30.88
C PHE A 220 -17.64 -6.63 30.94
N THR A 221 -18.16 -7.17 29.85
CA THR A 221 -18.41 -8.59 29.74
C THR A 221 -18.36 -8.99 28.27
N VAL A 222 -18.03 -10.26 28.02
CA VAL A 222 -18.16 -10.82 26.68
C VAL A 222 -19.48 -11.55 26.49
N GLU A 223 -20.35 -11.56 27.49
CA GLU A 223 -21.60 -12.32 27.42
C GLU A 223 -22.59 -11.66 26.47
N GLU A 224 -23.00 -12.38 25.43
CA GLU A 224 -23.93 -11.82 24.45
C GLU A 224 -25.17 -11.24 25.13
N LYS A 225 -25.62 -10.07 24.65
CA LYS A 225 -26.86 -9.44 25.09
C LYS A 225 -26.86 -9.12 26.59
N ALA A 226 -25.72 -9.18 27.25
CA ALA A 226 -25.70 -8.95 28.69
C ALA A 226 -25.84 -7.48 29.08
N GLY A 227 -25.81 -6.56 28.13
CA GLY A 227 -26.00 -5.14 28.41
C GLY A 227 -26.42 -4.42 27.15
N ARG A 228 -26.79 -3.15 27.33
CA ARG A 228 -27.35 -2.33 26.26
C ARG A 228 -26.29 -1.66 25.39
N ILE A 229 -25.03 -1.58 25.82
CA ILE A 229 -23.98 -0.92 25.07
C ILE A 229 -23.03 -1.96 24.51
N HIS A 230 -22.88 -1.95 23.18
CA HIS A 230 -22.10 -2.97 22.49
C HIS A 230 -20.96 -2.29 21.75
N ALA A 231 -19.74 -2.65 22.10
CA ALA A 231 -18.58 -2.16 21.35
C ALA A 231 -18.40 -3.04 20.11
N VAL A 232 -18.47 -2.43 18.94
CA VAL A 232 -18.26 -3.17 17.70
C VAL A 232 -17.17 -2.50 16.88
N ASP A 233 -16.63 -3.25 15.92
CA ASP A 233 -15.70 -2.63 15.00
C ASP A 233 -16.40 -1.51 14.23
N HIS A 234 -15.70 -0.38 14.06
CA HIS A 234 -16.36 0.79 13.47
C HIS A 234 -16.88 0.49 12.06
N MET A 235 -16.23 -0.40 11.33
CA MET A 235 -16.70 -0.71 9.98
C MET A 235 -18.06 -1.39 9.98
N GLU A 236 -18.46 -1.97 11.11
CA GLU A 236 -19.76 -2.64 11.16
C GLU A 236 -20.92 -1.67 11.16
N ILE A 237 -20.70 -0.40 11.49
CA ILE A 237 -21.81 0.56 11.55
C ILE A 237 -22.13 0.99 10.12
N CYS A 238 -23.25 0.48 9.60
CA CYS A 238 -23.64 0.74 8.22
C CYS A 238 -25.13 0.46 8.08
N HIS A 239 -25.70 1.01 7.01
CA HIS A 239 -27.13 0.84 6.77
C HIS A 239 -27.57 -0.62 6.83
N SER A 240 -26.80 -1.52 6.21
CA SER A 240 -27.23 -2.91 6.13
C SER A 240 -27.33 -3.54 7.51
N ASN A 241 -26.38 -3.23 8.39
CA ASN A 241 -26.48 -3.85 9.69
C ASN A 241 -27.55 -3.21 10.56
N MET A 242 -27.94 -1.96 10.29
CA MET A 242 -29.09 -1.40 11.01
C MET A 242 -30.33 -2.23 10.70
N LEU A 243 -30.48 -2.64 9.43
CA LEU A 243 -31.63 -3.47 9.07
C LEU A 243 -31.56 -4.86 9.69
N ARG A 244 -30.36 -5.40 9.86
CA ARG A 244 -30.20 -6.69 10.49
C ARG A 244 -30.46 -6.59 11.99
N TRP A 245 -29.82 -5.62 12.64
CA TRP A 245 -29.94 -5.46 14.08
C TRP A 245 -31.39 -5.22 14.49
N ASN A 246 -32.09 -4.36 13.77
CA ASN A 246 -33.46 -4.05 14.18
C ASN A 246 -34.41 -5.22 14.00
N GLN A 247 -33.99 -6.31 13.35
CA GLN A 247 -34.85 -7.49 13.33
C GLN A 247 -34.81 -8.24 14.65
N THR A 248 -33.92 -7.85 15.55
CA THR A 248 -33.76 -8.50 16.84
C THR A 248 -34.08 -7.59 18.01
N HIS A 249 -33.73 -6.30 17.93
CA HIS A 249 -33.85 -5.39 19.06
C HIS A 249 -33.70 -3.96 18.57
N PRO A 250 -34.47 -2.99 19.03
CA PRO A 250 -34.28 -1.63 18.51
C PRO A 250 -32.87 -1.13 18.82
N THR A 251 -32.26 -0.47 17.82
CA THR A 251 -30.82 -0.23 17.82
C THR A 251 -30.49 1.17 17.31
N ILE A 252 -29.64 1.87 18.06
CA ILE A 252 -29.00 3.13 17.65
C ILE A 252 -27.53 2.81 17.44
N ALA A 253 -26.87 3.52 16.50
CA ALA A 253 -25.45 3.31 16.27
C ALA A 253 -24.68 4.62 16.34
N ILE A 254 -23.53 4.62 17.00
CA ILE A 254 -22.77 5.86 17.19
C ILE A 254 -21.31 5.67 16.74
N LEU A 255 -20.85 6.57 15.89
CA LEU A 255 -19.46 6.63 15.50
C LEU A 255 -18.79 7.81 16.21
N PRO A 256 -18.05 7.59 17.32
CA PRO A 256 -17.36 8.70 17.99
C PRO A 256 -16.05 9.01 17.28
N THR A 257 -16.02 10.03 16.43
CA THR A 257 -14.85 10.28 15.60
C THR A 257 -14.94 11.69 15.04
N SER A 258 -13.78 12.29 14.78
CA SER A 258 -13.73 13.57 14.11
C SER A 258 -13.83 13.45 12.60
N ARG A 259 -13.69 12.26 12.05
CA ARG A 259 -13.80 12.11 10.60
C ARG A 259 -15.19 12.52 10.11
N LYS A 260 -15.23 13.14 8.95
CA LYS A 260 -16.50 13.55 8.34
C LYS A 260 -17.10 12.33 7.66
N ILE A 261 -18.06 11.69 8.30
CA ILE A 261 -18.70 10.49 7.76
C ILE A 261 -20.18 10.80 7.54
N HIS A 262 -20.68 10.51 6.36
CA HIS A 262 -22.08 10.73 6.07
C HIS A 262 -22.87 9.59 6.68
N SER A 263 -23.96 9.93 7.33
CA SER A 263 -24.79 8.93 7.97
C SER A 263 -25.73 8.40 6.92
N SER A 264 -25.83 7.07 6.82
CA SER A 264 -26.69 6.47 5.80
C SER A 264 -28.00 5.93 6.37
N HIS A 265 -28.28 6.18 7.66
CA HIS A 265 -29.48 5.69 8.33
C HIS A 265 -29.84 6.72 9.39
N PRO A 266 -31.12 7.03 9.56
CA PRO A 266 -31.51 8.03 10.58
C PRO A 266 -30.91 7.77 11.95
N ASP A 267 -30.66 6.51 12.31
CA ASP A 267 -30.26 6.15 13.66
C ASP A 267 -28.78 5.83 13.75
N ILE A 268 -28.01 6.17 12.72
CA ILE A 268 -26.55 6.19 12.79
C ILE A 268 -26.15 7.62 13.04
N HIS A 269 -25.41 7.84 14.12
CA HIS A 269 -24.97 9.17 14.51
C HIS A 269 -23.45 9.24 14.58
N VAL A 270 -22.91 10.30 13.98
CA VAL A 270 -21.48 10.58 13.99
C VAL A 270 -21.27 11.78 14.91
N ILE A 271 -20.51 11.58 15.98
CA ILE A 271 -20.35 12.61 17.01
C ILE A 271 -18.86 12.88 17.19
N PRO A 272 -18.43 14.15 17.14
CA PRO A 272 -16.99 14.46 17.01
C PRO A 272 -16.17 14.27 18.30
N TYR A 273 -16.31 13.13 18.93
CA TYR A 273 -15.35 12.65 19.92
C TYR A 273 -14.07 12.22 19.20
N SER A 274 -12.91 12.72 19.63
CA SER A 274 -11.67 12.47 18.90
C SER A 274 -10.54 12.17 19.87
N ASP A 275 -9.61 11.31 19.43
CA ASP A 275 -8.39 11.03 20.17
C ASP A 275 -7.19 11.78 19.62
N HIS A 276 -7.41 12.81 18.80
CA HIS A 276 -6.36 13.66 18.26
C HIS A 276 -6.60 15.12 18.62
N SER A 277 -5.54 15.82 19.04
CA SER A 277 -5.62 17.24 19.28
C SER A 277 -6.27 17.98 18.10
N SER A 278 -7.18 18.89 18.42
CA SER A 278 -7.73 19.74 17.37
C SER A 278 -6.69 20.77 16.94
N TYR A 279 -7.05 21.55 15.90
CA TYR A 279 -6.17 22.63 15.45
C TYR A 279 -5.94 23.66 16.55
N SER A 280 -7.01 24.12 17.20
CA SER A 280 -6.82 25.11 18.26
C SER A 280 -5.98 24.56 19.40
N GLU A 281 -6.05 23.25 19.63
CA GLU A 281 -5.24 22.63 20.67
C GLU A 281 -3.79 22.52 20.24
N LEU A 282 -3.55 22.11 18.99
CA LEU A 282 -2.18 22.09 18.46
C LEU A 282 -1.53 23.46 18.60
N ARG A 283 -2.29 24.53 18.37
CA ARG A 283 -1.74 25.87 18.42
C ARG A 283 -1.32 26.26 19.83
N ALA A 284 -2.15 25.94 20.82
CA ALA A 284 -1.80 26.25 22.20
C ALA A 284 -0.62 25.42 22.66
N PHE A 285 -0.55 24.16 22.21
CA PHE A 285 0.58 23.30 22.51
C PHE A 285 1.88 23.89 21.96
N VAL A 286 1.93 24.16 20.65
CA VAL A 286 3.17 24.65 20.06
C VAL A 286 3.51 26.02 20.63
N ALA A 287 2.50 26.86 20.84
CA ALA A 287 2.71 28.21 21.36
C ALA A 287 3.32 28.18 22.75
N ALA A 288 2.95 27.19 23.56
CA ALA A 288 3.55 27.05 24.87
C ALA A 288 4.96 26.49 24.80
N LEU A 289 5.26 25.65 23.80
CA LEU A 289 6.57 25.00 23.77
C LEU A 289 7.60 25.79 22.98
N LYS A 290 7.17 26.58 22.02
CA LYS A 290 8.05 27.42 21.22
C LYS A 290 9.27 26.65 20.70
N PRO A 291 9.05 25.57 19.95
CA PRO A 291 10.16 24.81 19.41
C PRO A 291 10.83 25.56 18.26
N CYS A 292 12.03 25.09 17.90
CA CYS A 292 12.73 25.70 16.78
C CYS A 292 12.08 25.31 15.46
N GLN A 293 11.41 24.15 15.44
CA GLN A 293 10.96 23.55 14.20
C GLN A 293 9.84 22.59 14.55
N VAL A 294 8.80 22.58 13.72
CA VAL A 294 7.70 21.63 13.86
C VAL A 294 7.68 20.77 12.60
N VAL A 295 7.77 19.46 12.78
CA VAL A 295 7.80 18.52 11.67
C VAL A 295 6.58 17.62 11.79
N PRO A 296 5.71 17.55 10.78
CA PRO A 296 4.49 16.74 10.92
C PRO A 296 4.83 15.25 10.91
N ILE A 297 4.07 14.49 11.69
CA ILE A 297 4.28 13.05 11.70
C ILE A 297 3.41 12.37 10.65
N VAL A 298 2.25 12.97 10.34
CA VAL A 298 1.29 12.39 9.40
C VAL A 298 1.52 13.11 8.06
N SER A 299 2.46 12.58 7.27
CA SER A 299 2.87 13.26 6.05
C SER A 299 1.74 13.33 5.02
N ARG A 300 0.78 12.41 5.08
CA ARG A 300 -0.36 12.50 4.17
C ARG A 300 -1.33 13.63 4.49
N ARG A 301 -1.11 14.39 5.56
CA ARG A 301 -2.09 15.38 6.00
C ARG A 301 -1.43 16.72 6.25
N PRO A 302 -2.18 17.81 6.14
CA PRO A 302 -1.58 19.14 6.19
C PRO A 302 -1.04 19.46 7.58
N CYS A 303 -0.07 20.36 7.61
CA CYS A 303 0.52 20.81 8.86
C CYS A 303 1.04 22.22 8.68
N GLY A 304 0.64 23.13 9.56
CA GLY A 304 1.10 24.49 9.45
C GLY A 304 0.37 25.41 10.41
N GLY A 305 0.75 26.69 10.34
CA GLY A 305 0.17 27.68 11.22
C GLY A 305 0.95 27.96 12.48
N PHE A 306 2.21 27.53 12.54
CA PHE A 306 3.00 27.59 13.76
C PHE A 306 4.22 28.50 13.66
N GLN A 307 4.49 29.11 12.50
CA GLN A 307 5.72 29.89 12.34
C GLN A 307 5.77 31.06 13.32
N ASP A 308 4.62 31.58 13.73
CA ASP A 308 4.59 32.64 14.73
C ASP A 308 5.06 32.16 16.10
N SER A 309 5.15 30.84 16.31
CA SER A 309 5.51 30.30 17.62
C SER A 309 6.91 29.70 17.67
N LEU A 310 7.65 29.66 16.56
CA LEU A 310 8.97 29.04 16.54
C LEU A 310 10.02 29.89 17.25
N SER A 311 11.00 29.20 17.87
CA SER A 311 12.21 29.87 18.35
C SER A 311 13.24 29.92 17.23
N PRO A 312 14.29 30.73 17.39
CA PRO A 312 15.32 30.81 16.34
C PRO A 312 15.98 29.46 16.11
N ARG A 313 16.16 29.12 14.85
CA ARG A 313 16.70 27.82 14.47
C ARG A 313 18.11 27.64 15.01
N ILE A 314 18.57 26.40 15.00
CA ILE A 314 19.90 26.03 15.44
C ILE A 314 20.52 25.12 14.40
N SER A 315 21.85 25.20 14.30
CA SER A 315 22.53 24.45 13.26
C SER A 315 22.49 22.96 13.57
N VAL A 316 22.51 22.15 12.52
CA VAL A 316 22.51 20.68 12.63
C VAL A 316 23.67 20.24 13.52
N PRO A 317 23.40 19.60 14.65
CA PRO A 317 24.47 19.22 15.56
C PRO A 317 25.38 18.17 14.92
N LEU A 318 26.64 18.21 15.33
CA LEU A 318 27.62 17.23 14.87
C LEU A 318 27.34 15.87 15.51
N ILE A 319 27.47 14.82 14.71
CA ILE A 319 27.36 13.46 15.24
C ILE A 319 28.68 13.09 15.90
N PRO A 320 28.68 12.62 17.15
CA PRO A 320 29.92 12.13 17.75
C PRO A 320 30.47 10.95 16.99
N ASP A 321 31.80 10.87 16.98
CA ASP A 321 32.49 9.84 16.20
C ASP A 321 32.04 8.44 16.59
N SER A 322 31.90 8.16 17.90
CA SER A 322 31.54 6.79 18.29
C SER A 322 30.18 6.39 17.74
N VAL A 323 29.27 7.36 17.57
CA VAL A 323 27.93 7.03 17.12
C VAL A 323 27.90 6.74 15.63
N GLN A 324 28.78 7.41 14.86
CA GLN A 324 28.91 7.07 13.44
C GLN A 324 29.29 5.60 13.26
N GLN A 325 30.30 5.13 14.01
CA GLN A 325 30.67 3.72 13.92
C GLN A 325 29.48 2.82 14.27
N TYR A 326 28.71 3.20 15.28
CA TYR A 326 27.55 2.41 15.65
C TYR A 326 26.55 2.34 14.50
N MET A 327 26.34 3.47 13.81
CA MET A 327 25.37 3.58 12.72
C MET A 327 25.89 3.02 11.41
N SER A 328 27.16 2.68 11.32
CA SER A 328 27.75 2.29 10.04
C SER A 328 27.02 1.10 9.42
N SER A 329 26.82 1.16 8.11
CA SER A 329 26.18 0.09 7.35
C SER A 329 27.20 -0.72 6.53
N ASN B 2 -8.05 -12.35 -19.94
CA ASN B 2 -7.29 -12.48 -18.71
C ASN B 2 -7.37 -11.25 -17.80
N GLY B 3 -8.60 -10.85 -17.45
CA GLY B 3 -8.83 -9.79 -16.49
C GLY B 3 -9.70 -10.25 -15.35
N VAL B 4 -9.85 -9.38 -14.35
CA VAL B 4 -10.36 -9.77 -13.03
C VAL B 4 -11.32 -8.70 -12.52
N LEU B 5 -12.42 -9.14 -11.92
CA LEU B 5 -13.23 -8.28 -11.05
C LEU B 5 -12.77 -8.57 -9.62
N ILE B 6 -12.16 -7.59 -8.96
CA ILE B 6 -11.63 -7.84 -7.62
C ILE B 6 -12.78 -7.89 -6.63
N PRO B 7 -12.99 -9.02 -5.94
CA PRO B 7 -14.19 -9.15 -5.10
C PRO B 7 -14.15 -8.22 -3.92
N HIS B 8 -15.34 -7.80 -3.48
CA HIS B 8 -15.50 -6.96 -2.31
C HIS B 8 -14.95 -5.56 -2.51
N THR B 9 -14.71 -5.17 -3.78
CA THR B 9 -14.21 -3.85 -4.13
C THR B 9 -14.91 -3.38 -5.39
N PRO B 10 -14.81 -2.09 -5.71
CA PRO B 10 -15.28 -1.59 -7.01
C PRO B 10 -14.23 -1.65 -8.11
N ILE B 11 -13.19 -2.49 -7.96
CA ILE B 11 -12.03 -2.50 -8.87
C ILE B 11 -12.17 -3.61 -9.90
N ALA B 12 -11.87 -3.27 -11.14
CA ALA B 12 -11.76 -4.18 -12.27
C ALA B 12 -10.42 -3.93 -12.95
N VAL B 13 -9.75 -4.99 -13.36
CA VAL B 13 -8.50 -4.82 -14.09
C VAL B 13 -8.57 -5.65 -15.35
N ASP B 14 -8.33 -5.02 -16.48
CA ASP B 14 -8.26 -5.69 -17.77
C ASP B 14 -9.58 -6.35 -18.09
N PHE B 15 -10.68 -5.74 -17.64
CA PHE B 15 -12.01 -6.36 -17.69
C PHE B 15 -13.01 -5.31 -18.15
N TRP B 16 -13.62 -5.53 -19.32
CA TRP B 16 -14.32 -4.46 -20.04
C TRP B 16 -15.74 -4.84 -20.46
N SER B 17 -16.29 -5.93 -19.96
CA SER B 17 -17.67 -6.28 -20.30
C SER B 17 -18.57 -5.69 -19.23
N LEU B 18 -19.18 -4.54 -19.51
CA LEU B 18 -19.99 -3.89 -18.49
C LEU B 18 -21.18 -4.76 -18.10
N ARG B 19 -21.73 -5.52 -19.04
CA ARG B 19 -22.81 -6.44 -18.71
C ARG B 19 -22.49 -7.28 -17.48
N ARG B 20 -21.23 -7.63 -17.28
CA ARG B 20 -20.85 -8.50 -16.17
C ARG B 20 -20.14 -7.77 -15.03
N ALA B 21 -19.98 -6.46 -15.11
CA ALA B 21 -19.25 -5.70 -14.08
C ALA B 21 -20.21 -4.96 -13.16
N GLY B 22 -21.08 -5.74 -12.52
CA GLY B 22 -22.25 -5.18 -11.87
C GLY B 22 -21.92 -4.09 -10.86
N THR B 23 -20.86 -4.30 -10.08
CA THR B 23 -20.48 -3.33 -9.06
C THR B 23 -19.15 -2.63 -9.35
N ALA B 24 -18.52 -2.90 -10.50
CA ALA B 24 -17.23 -2.28 -10.82
C ALA B 24 -17.39 -0.80 -11.17
N ARG B 25 -16.48 0.03 -10.67
CA ARG B 25 -16.58 1.47 -10.88
C ARG B 25 -15.25 2.06 -11.30
N LEU B 26 -14.15 1.43 -10.86
CA LEU B 26 -12.79 1.87 -11.18
C LEU B 26 -12.13 0.84 -12.09
N PHE B 27 -11.75 1.27 -13.30
CA PHE B 27 -11.25 0.38 -14.35
C PHE B 27 -9.79 0.65 -14.64
N PHE B 28 -8.98 -0.41 -14.70
CA PHE B 28 -7.53 -0.34 -14.90
C PHE B 28 -7.11 -1.22 -16.09
N LEU B 29 -6.10 -0.77 -16.83
CA LEU B 29 -5.59 -1.50 -18.00
C LEU B 29 -4.10 -1.70 -17.84
N SER B 30 -3.65 -2.94 -17.69
CA SER B 30 -2.25 -3.18 -17.39
C SER B 30 -1.37 -2.96 -18.62
N HIS B 31 -1.83 -3.36 -19.80
CA HIS B 31 -1.06 -3.21 -21.04
C HIS B 31 -1.97 -3.56 -22.22
N MET B 32 -1.48 -3.27 -23.43
CA MET B 32 -2.26 -3.26 -24.65
C MET B 32 -2.35 -4.60 -25.40
N HIS B 33 -2.00 -5.73 -24.80
CA HIS B 33 -2.22 -6.98 -25.53
C HIS B 33 -3.70 -7.34 -25.61
N SER B 34 -4.10 -7.99 -26.72
CA SER B 34 -5.52 -8.15 -27.03
C SER B 34 -6.27 -8.95 -25.98
N ASP B 35 -5.61 -9.89 -25.31
CA ASP B 35 -6.31 -10.65 -24.26
C ASP B 35 -6.57 -9.81 -23.01
N HIS B 36 -6.06 -8.57 -22.94
CA HIS B 36 -6.35 -7.70 -21.79
C HIS B 36 -7.31 -6.57 -22.16
N THR B 37 -7.80 -6.54 -23.40
CA THR B 37 -8.66 -5.49 -23.93
C THR B 37 -9.92 -6.04 -24.59
N VAL B 38 -10.37 -7.21 -24.17
CA VAL B 38 -11.57 -7.82 -24.76
C VAL B 38 -12.78 -6.97 -24.37
N GLY B 39 -13.49 -6.47 -25.36
CA GLY B 39 -14.64 -5.64 -25.12
C GLY B 39 -14.34 -4.17 -24.97
N LEU B 40 -13.10 -3.76 -25.20
CA LEU B 40 -12.68 -2.36 -25.11
C LEU B 40 -12.59 -1.75 -26.50
N SER B 41 -13.42 -0.75 -26.79
CA SER B 41 -13.44 -0.14 -28.11
C SER B 41 -13.88 1.31 -27.99
N SER B 42 -14.08 1.95 -29.14
CA SER B 42 -14.49 3.34 -29.17
C SER B 42 -15.80 3.59 -28.43
N THR B 43 -16.61 2.56 -28.17
CA THR B 43 -17.82 2.76 -27.39
C THR B 43 -17.57 2.89 -25.89
N TRP B 44 -16.33 2.72 -25.42
CA TRP B 44 -16.08 2.78 -23.98
C TRP B 44 -16.35 4.18 -23.46
N ALA B 45 -17.08 4.28 -22.34
CA ALA B 45 -17.53 5.58 -21.83
C ALA B 45 -17.41 5.65 -20.32
N ARG B 46 -16.30 5.15 -19.79
CA ARG B 46 -16.01 5.18 -18.36
C ARG B 46 -14.56 5.58 -18.17
N PRO B 47 -14.22 6.21 -17.04
CA PRO B 47 -12.80 6.48 -16.73
C PRO B 47 -12.01 5.19 -16.60
N LEU B 48 -10.85 5.14 -17.25
CA LEU B 48 -9.95 4.02 -17.07
C LEU B 48 -8.55 4.58 -16.84
N TYR B 49 -7.75 3.84 -16.08
CA TYR B 49 -6.43 4.30 -15.68
C TYR B 49 -5.40 3.33 -16.25
N CYS B 50 -4.27 3.88 -16.71
CA CYS B 50 -3.22 3.10 -17.34
C CYS B 50 -1.95 3.96 -17.37
N SER B 51 -0.85 3.35 -17.82
CA SER B 51 0.42 4.05 -17.98
C SER B 51 0.35 5.01 -19.16
N PRO B 52 1.26 5.98 -19.22
CA PRO B 52 1.26 6.90 -20.36
C PRO B 52 1.44 6.20 -21.71
N ILE B 53 2.34 5.21 -21.84
CA ILE B 53 2.49 4.54 -23.13
C ILE B 53 1.21 3.79 -23.48
N THR B 54 0.65 3.07 -22.50
CA THR B 54 -0.61 2.38 -22.78
C THR B 54 -1.70 3.37 -23.19
N ALA B 55 -1.78 4.52 -22.48
CA ALA B 55 -2.79 5.51 -22.85
C ALA B 55 -2.65 5.94 -24.30
N HIS B 56 -1.41 6.14 -24.76
CA HIS B 56 -1.20 6.54 -26.14
C HIS B 56 -1.64 5.44 -27.10
N LEU B 57 -1.24 4.20 -26.82
CA LEU B 57 -1.57 3.09 -27.72
C LEU B 57 -3.07 2.81 -27.72
N LEU B 58 -3.72 2.90 -26.57
CA LEU B 58 -5.15 2.63 -26.47
C LEU B 58 -5.96 3.57 -27.36
N HIS B 59 -5.71 4.88 -27.25
CA HIS B 59 -6.44 5.80 -28.12
C HIS B 59 -6.06 5.58 -29.59
N ARG B 60 -4.77 5.39 -29.86
CA ARG B 60 -4.31 5.25 -31.24
C ARG B 60 -4.93 4.04 -31.94
N HIS B 61 -5.04 2.91 -31.25
CA HIS B 61 -5.34 1.68 -31.95
C HIS B 61 -6.70 1.07 -31.62
N LEU B 62 -7.31 1.43 -30.49
CA LEU B 62 -8.67 1.00 -30.18
C LEU B 62 -9.66 2.16 -30.19
N GLN B 63 -9.18 3.39 -30.37
CA GLN B 63 -10.03 4.57 -30.54
C GLN B 63 -10.92 4.82 -29.34
N VAL B 64 -10.55 4.33 -28.16
CA VAL B 64 -11.16 4.83 -26.94
C VAL B 64 -10.93 6.34 -26.89
N SER B 65 -11.96 7.09 -26.51
CA SER B 65 -11.87 8.55 -26.50
C SER B 65 -10.88 9.01 -25.43
N LYS B 66 -10.06 10.02 -25.77
CA LYS B 66 -9.07 10.49 -24.80
C LYS B 66 -9.70 10.93 -23.48
N GLN B 67 -10.92 11.48 -23.52
CA GLN B 67 -11.54 11.99 -22.29
C GLN B 67 -11.68 10.90 -21.23
N TRP B 68 -11.71 9.63 -21.62
CA TRP B 68 -11.88 8.54 -20.66
C TRP B 68 -10.57 7.94 -20.20
N ILE B 69 -9.48 8.26 -20.88
CA ILE B 69 -8.18 7.65 -20.63
C ILE B 69 -7.42 8.57 -19.69
N GLN B 70 -7.16 8.08 -18.49
CA GLN B 70 -6.44 8.80 -17.44
C GLN B 70 -5.06 8.16 -17.31
N ALA B 71 -4.06 8.77 -17.92
CA ALA B 71 -2.70 8.26 -17.73
C ALA B 71 -2.22 8.58 -16.32
N LEU B 72 -1.66 7.58 -15.65
CA LEU B 72 -0.97 7.76 -14.37
C LEU B 72 0.52 7.49 -14.56
N GLU B 73 1.36 8.43 -14.13
CA GLU B 73 2.80 8.22 -14.29
C GLU B 73 3.23 7.03 -13.47
N VAL B 74 4.11 6.19 -14.05
CA VAL B 74 4.56 4.98 -13.37
C VAL B 74 5.44 5.34 -12.17
N GLY B 75 5.25 4.61 -11.06
CA GLY B 75 6.08 4.75 -9.89
C GLY B 75 5.72 5.88 -8.95
N GLU B 76 4.58 6.53 -9.15
CA GLU B 76 4.12 7.61 -8.29
C GLU B 76 2.80 7.19 -7.64
N SER B 77 2.63 7.43 -6.35
CA SER B 77 1.36 7.07 -5.74
C SER B 77 0.27 8.04 -6.15
N HIS B 78 -0.94 7.54 -6.38
CA HIS B 78 -2.06 8.37 -6.78
C HIS B 78 -3.27 8.03 -5.92
N VAL B 79 -3.96 9.06 -5.44
CA VAL B 79 -5.17 8.88 -4.64
C VAL B 79 -6.40 8.89 -5.56
N LEU B 80 -7.24 7.87 -5.44
CA LEU B 80 -8.44 7.81 -6.26
C LEU B 80 -9.66 7.60 -5.36
N PRO B 81 -10.77 8.27 -5.67
CA PRO B 81 -11.99 8.14 -4.85
C PRO B 81 -12.68 6.79 -5.06
N LEU B 82 -13.24 6.27 -3.97
CA LEU B 82 -14.02 5.03 -4.01
C LEU B 82 -15.50 5.28 -3.78
N ASP B 83 -15.92 6.54 -3.71
CA ASP B 83 -17.35 6.85 -3.67
C ASP B 83 -17.55 8.20 -4.33
N GLU B 84 -18.82 8.61 -4.41
CA GLU B 84 -19.20 9.76 -5.21
C GLU B 84 -18.59 11.06 -4.71
N ILE B 85 -18.23 11.14 -3.43
CA ILE B 85 -17.68 12.37 -2.87
C ILE B 85 -16.23 12.20 -2.41
N GLY B 86 -15.59 11.08 -2.73
CA GLY B 86 -14.24 10.86 -2.22
C GLY B 86 -14.14 10.86 -0.72
N GLN B 87 -15.21 10.48 -0.01
CA GLN B 87 -15.09 10.23 1.42
C GLN B 87 -14.14 9.08 1.69
N GLU B 88 -14.32 7.98 0.98
CA GLU B 88 -13.42 6.84 1.01
C GLU B 88 -12.49 6.91 -0.20
N THR B 89 -11.20 6.72 0.01
CA THR B 89 -10.24 6.73 -1.09
C THR B 89 -9.34 5.50 -1.02
N MET B 90 -8.65 5.24 -2.13
CA MET B 90 -7.52 4.31 -2.14
C MET B 90 -6.32 4.97 -2.79
N THR B 91 -5.16 4.37 -2.56
CA THR B 91 -3.93 4.76 -3.22
C THR B 91 -3.60 3.67 -4.24
N VAL B 92 -3.25 4.07 -5.46
CA VAL B 92 -2.79 3.13 -6.47
C VAL B 92 -1.41 3.58 -6.89
N THR B 93 -0.48 2.64 -6.96
CA THR B 93 0.85 2.91 -7.49
C THR B 93 1.07 1.97 -8.67
N LEU B 94 1.33 2.53 -9.85
CA LEU B 94 1.74 1.71 -10.98
C LEU B 94 3.22 1.39 -10.82
N LEU B 95 3.60 0.14 -11.08
CA LEU B 95 4.98 -0.30 -11.07
C LEU B 95 5.31 -1.01 -12.38
N ASP B 96 6.52 -0.80 -12.91
CA ASP B 96 6.92 -1.45 -14.15
C ASP B 96 6.78 -2.96 -14.04
N ALA B 97 6.02 -3.57 -14.98
CA ALA B 97 5.85 -5.02 -15.03
C ALA B 97 6.93 -5.70 -15.88
N ASN B 98 7.70 -4.93 -16.63
CA ASN B 98 8.83 -5.46 -17.41
C ASN B 98 8.37 -6.55 -18.39
N HIS B 99 7.15 -6.41 -18.90
CA HIS B 99 6.55 -7.37 -19.84
C HIS B 99 6.64 -6.87 -21.28
N CYS B 100 6.09 -5.68 -21.54
CA CYS B 100 6.16 -5.05 -22.85
C CYS B 100 5.99 -3.54 -22.66
N PRO B 101 6.16 -2.74 -23.70
CA PRO B 101 5.99 -1.30 -23.54
C PRO B 101 4.64 -0.95 -22.93
N GLY B 102 4.67 -0.11 -21.88
CA GLY B 102 3.46 0.32 -21.21
C GLY B 102 2.99 -0.60 -20.10
N SER B 103 3.62 -1.76 -19.92
CA SER B 103 3.11 -2.78 -19.00
C SER B 103 3.40 -2.40 -17.55
N VAL B 104 2.37 -2.49 -16.69
CA VAL B 104 2.52 -2.17 -15.29
C VAL B 104 1.82 -3.20 -14.42
N MET B 105 2.28 -3.26 -13.18
CA MET B 105 1.55 -3.85 -12.08
C MET B 105 0.86 -2.72 -11.31
N PHE B 106 -0.22 -3.07 -10.63
CA PHE B 106 -0.95 -2.13 -9.79
C PHE B 106 -0.85 -2.55 -8.33
N LEU B 107 -0.41 -1.61 -7.47
CA LEU B 107 -0.46 -1.81 -6.02
C LEU B 107 -1.62 -0.97 -5.52
N PHE B 108 -2.67 -1.63 -5.04
CA PHE B 108 -3.87 -0.98 -4.52
C PHE B 108 -3.82 -0.97 -3.00
N GLU B 109 -4.13 0.17 -2.38
CA GLU B 109 -4.14 0.24 -0.93
C GLU B 109 -5.40 0.94 -0.48
N GLY B 110 -6.19 0.30 0.38
CA GLY B 110 -7.40 0.93 0.86
C GLY B 110 -8.08 0.13 1.95
N TYR B 111 -9.38 0.37 2.08
CA TYR B 111 -10.13 -0.33 3.13
C TYR B 111 -9.98 -1.84 2.99
N PHE B 112 -9.79 -2.35 1.76
CA PHE B 112 -9.71 -3.78 1.47
C PHE B 112 -8.35 -4.38 1.79
N GLY B 113 -7.38 -3.57 2.18
CA GLY B 113 -6.06 -4.04 2.53
C GLY B 113 -5.09 -3.62 1.45
N THR B 114 -4.09 -4.45 1.18
CA THR B 114 -3.08 -4.15 0.18
C THR B 114 -3.12 -5.25 -0.86
N ILE B 115 -3.33 -4.87 -2.11
CA ILE B 115 -3.43 -5.80 -3.22
C ILE B 115 -2.36 -5.48 -4.25
N LEU B 116 -1.55 -6.46 -4.61
CA LEU B 116 -0.65 -6.33 -5.74
C LEU B 116 -1.22 -7.13 -6.91
N TYR B 117 -1.38 -6.48 -8.04
CA TYR B 117 -1.89 -7.08 -9.27
C TYR B 117 -0.78 -6.99 -10.31
N THR B 118 -0.23 -8.13 -10.73
CA THR B 118 0.94 -8.07 -11.61
C THR B 118 0.62 -7.73 -13.05
N GLY B 119 -0.61 -7.97 -13.49
CA GLY B 119 -0.83 -7.97 -14.92
C GLY B 119 0.06 -9.07 -15.49
N ASP B 120 0.40 -8.96 -16.77
CA ASP B 120 1.49 -9.75 -17.33
C ASP B 120 2.82 -9.14 -16.88
N PHE B 121 3.74 -9.98 -16.43
CA PHE B 121 5.03 -9.42 -15.99
C PHE B 121 6.12 -10.45 -16.10
N ARG B 122 7.37 -9.96 -16.14
CA ARG B 122 8.56 -10.80 -16.00
C ARG B 122 9.38 -10.33 -14.80
N TYR B 123 9.42 -11.16 -13.77
CA TYR B 123 10.14 -10.85 -12.54
C TYR B 123 11.64 -10.67 -12.77
N THR B 124 12.23 -9.75 -12.03
CA THR B 124 13.66 -9.64 -11.83
C THR B 124 13.87 -9.18 -10.40
N PRO B 125 15.01 -9.51 -9.80
CA PRO B 125 15.26 -9.07 -8.41
C PRO B 125 15.04 -7.58 -8.20
N SER B 126 15.36 -6.76 -9.20
CA SER B 126 15.16 -5.33 -9.01
C SER B 126 13.72 -4.99 -8.65
N MET B 127 12.77 -5.83 -9.05
CA MET B 127 11.37 -5.59 -8.73
C MET B 127 11.13 -5.50 -7.23
N LEU B 128 11.81 -6.35 -6.47
CA LEU B 128 11.57 -6.37 -5.04
C LEU B 128 12.18 -5.18 -4.32
N LYS B 129 12.99 -4.38 -5.01
CA LYS B 129 13.60 -3.16 -4.47
C LYS B 129 12.81 -1.90 -4.76
N GLU B 130 11.71 -2.01 -5.50
CA GLU B 130 10.84 -0.85 -5.70
C GLU B 130 10.51 -0.22 -4.35
N PRO B 131 10.65 1.10 -4.19
CA PRO B 131 10.30 1.72 -2.89
C PRO B 131 8.90 1.38 -2.41
N ALA B 132 7.91 1.28 -3.31
CA ALA B 132 6.57 0.97 -2.83
C ALA B 132 6.49 -0.41 -2.23
N LEU B 133 7.42 -1.30 -2.55
CA LEU B 133 7.42 -2.67 -2.03
C LEU B 133 8.46 -2.91 -0.95
N THR B 134 9.11 -1.86 -0.43
CA THR B 134 10.14 -2.02 0.58
C THR B 134 9.78 -1.31 1.87
N LEU B 135 8.49 -1.13 2.12
CA LEU B 135 8.03 -0.46 3.33
C LEU B 135 7.55 -1.42 4.41
N GLY B 136 7.63 -2.73 4.16
CA GLY B 136 7.15 -3.72 5.10
C GLY B 136 5.66 -3.96 5.08
N LYS B 137 4.93 -3.39 4.12
CA LYS B 137 3.49 -3.57 4.08
C LYS B 137 3.17 -5.03 3.74
N GLN B 138 2.16 -5.57 4.40
CA GLN B 138 1.73 -6.94 4.11
C GLN B 138 0.78 -6.94 2.92
N ILE B 139 1.10 -7.72 1.89
CA ILE B 139 0.19 -7.85 0.76
C ILE B 139 -0.84 -8.93 1.08
N HIS B 140 -2.12 -8.60 0.92
CA HIS B 140 -3.18 -9.53 1.29
C HIS B 140 -3.58 -10.44 0.14
N THR B 141 -3.77 -9.91 -1.06
CA THR B 141 -3.98 -10.72 -2.26
C THR B 141 -2.93 -10.35 -3.30
N LEU B 142 -2.30 -11.36 -3.88
CA LEU B 142 -1.39 -11.18 -5.01
C LEU B 142 -2.06 -11.80 -6.22
N TYR B 143 -2.49 -10.97 -7.17
CA TYR B 143 -2.97 -11.46 -8.45
C TYR B 143 -1.75 -11.63 -9.35
N LEU B 144 -1.56 -12.83 -9.86
CA LEU B 144 -0.28 -13.28 -10.41
C LEU B 144 -0.41 -13.74 -11.85
N ASP B 145 0.57 -13.35 -12.69
CA ASP B 145 0.69 -13.84 -14.06
C ASP B 145 1.24 -15.27 -14.01
N ASN B 146 0.36 -16.26 -14.13
CA ASN B 146 0.74 -17.66 -14.04
C ASN B 146 0.94 -18.30 -15.42
N THR B 147 1.19 -17.49 -16.45
CA THR B 147 1.27 -18.04 -17.81
C THR B 147 2.21 -19.24 -17.87
N ASN B 148 3.38 -19.12 -17.25
CA ASN B 148 4.44 -20.14 -17.30
C ASN B 148 4.58 -20.89 -15.98
N CYS B 149 3.50 -21.00 -15.20
CA CYS B 149 3.52 -21.66 -13.90
C CYS B 149 3.42 -23.17 -14.10
N ASN B 150 4.48 -23.72 -14.68
CA ASN B 150 4.60 -25.16 -14.95
C ASN B 150 6.01 -25.57 -14.53
N PRO B 151 6.16 -26.40 -13.50
CA PRO B 151 7.52 -26.71 -13.02
C PRO B 151 8.34 -27.47 -14.05
N ALA B 152 7.71 -28.09 -15.06
CA ALA B 152 8.44 -28.76 -16.12
C ALA B 152 9.03 -27.80 -17.15
N LEU B 153 8.59 -26.55 -17.16
CA LEU B 153 9.04 -25.55 -18.11
C LEU B 153 10.18 -24.74 -17.49
N VAL B 154 11.39 -24.99 -17.96
CA VAL B 154 12.55 -24.22 -17.52
C VAL B 154 12.88 -23.22 -18.62
N LEU B 155 13.24 -22.00 -18.23
CA LEU B 155 13.52 -20.94 -19.18
C LEU B 155 14.80 -20.21 -18.78
N PRO B 156 15.60 -19.77 -19.74
CA PRO B 156 16.73 -18.88 -19.42
C PRO B 156 16.25 -17.48 -19.14
N SER B 157 17.16 -16.64 -18.64
CA SER B 157 16.85 -15.22 -18.58
C SER B 157 16.74 -14.66 -20.00
N ARG B 158 16.06 -13.52 -20.12
CA ARG B 158 16.02 -12.87 -21.42
C ARG B 158 17.42 -12.59 -21.94
N GLN B 159 18.35 -12.20 -21.06
CA GLN B 159 19.71 -11.90 -21.51
C GLN B 159 20.37 -13.13 -22.11
N GLU B 160 20.20 -14.28 -21.46
CA GLU B 160 20.79 -15.51 -21.98
C GLU B 160 20.12 -15.93 -23.28
N ALA B 161 18.78 -15.85 -23.34
CA ALA B 161 18.09 -16.19 -24.59
C ALA B 161 18.52 -15.24 -25.71
N ALA B 162 18.66 -13.96 -25.41
CA ALA B 162 19.17 -13.04 -26.43
C ALA B 162 20.56 -13.45 -26.87
N HIS B 163 21.41 -13.91 -25.93
CA HIS B 163 22.74 -14.36 -26.30
C HIS B 163 22.66 -15.52 -27.26
N GLN B 164 21.78 -16.49 -26.99
CA GLN B 164 21.60 -17.60 -27.93
C GLN B 164 21.23 -17.12 -29.32
N ILE B 165 20.40 -16.07 -29.40
CA ILE B 165 19.99 -15.54 -30.69
C ILE B 165 21.17 -14.89 -31.41
N VAL B 166 21.97 -14.12 -30.66
CA VAL B 166 23.18 -13.54 -31.23
C VAL B 166 24.09 -14.63 -31.79
N GLN B 167 24.36 -15.65 -30.99
CA GLN B 167 25.22 -16.75 -31.46
C GLN B 167 24.71 -17.35 -32.78
N LEU B 168 23.40 -17.53 -32.88
CA LEU B 168 22.81 -18.13 -34.07
C LEU B 168 22.97 -17.23 -35.28
N ILE B 169 22.67 -15.93 -35.13
CA ILE B 169 22.78 -15.02 -36.27
C ILE B 169 24.23 -14.89 -36.74
N ARG B 170 25.18 -14.92 -35.81
CA ARG B 170 26.59 -14.85 -36.18
C ARG B 170 26.96 -15.96 -37.15
N LYS B 171 26.27 -17.10 -37.09
CA LYS B 171 26.52 -18.21 -38.00
C LYS B 171 25.89 -18.01 -39.37
N HIS B 172 25.19 -16.91 -39.59
CA HIS B 172 24.44 -16.68 -40.81
C HIS B 172 24.72 -15.27 -41.34
N PRO B 173 25.99 -14.96 -41.62
CA PRO B 173 26.33 -13.59 -42.03
C PRO B 173 25.67 -13.14 -43.31
N GLN B 174 25.35 -14.06 -44.22
CA GLN B 174 24.76 -13.71 -45.51
C GLN B 174 23.25 -13.87 -45.52
N HIS B 175 22.62 -14.05 -44.36
CA HIS B 175 21.19 -14.33 -44.29
C HIS B 175 20.45 -13.10 -43.78
N ASN B 176 19.27 -12.85 -44.36
CA ASN B 176 18.29 -12.00 -43.70
C ASN B 176 17.71 -12.75 -42.50
N ILE B 177 17.30 -12.01 -41.48
CA ILE B 177 16.78 -12.59 -40.24
C ILE B 177 15.34 -12.11 -40.07
N LYS B 178 14.38 -13.03 -40.15
CA LYS B 178 12.99 -12.72 -39.79
C LYS B 178 12.80 -12.96 -38.30
N ILE B 179 12.28 -11.95 -37.59
CA ILE B 179 12.01 -12.06 -36.16
C ILE B 179 10.50 -11.99 -36.00
N GLY B 180 9.90 -13.08 -35.56
CA GLY B 180 8.45 -13.19 -35.56
C GLY B 180 7.91 -12.78 -34.21
N LEU B 181 7.14 -11.71 -34.13
CA LEU B 181 6.75 -11.09 -32.86
C LEU B 181 5.23 -10.96 -32.78
N TYR B 182 4.73 -10.66 -31.58
CA TYR B 182 3.38 -10.11 -31.47
C TYR B 182 3.39 -8.66 -31.93
N SER B 183 2.19 -8.05 -31.93
CA SER B 183 2.07 -6.67 -32.39
C SER B 183 2.81 -5.69 -31.50
N LEU B 184 3.05 -6.08 -30.25
CA LEU B 184 3.63 -5.21 -29.24
C LEU B 184 4.57 -6.02 -28.37
N GLY B 185 5.78 -5.50 -28.12
CA GLY B 185 6.70 -6.28 -27.33
C GLY B 185 7.98 -6.67 -28.06
N LYS B 186 9.06 -6.84 -27.30
CA LYS B 186 10.38 -7.32 -27.72
C LYS B 186 11.15 -6.32 -28.56
N GLU B 187 10.71 -5.05 -28.59
CA GLU B 187 11.42 -4.01 -29.32
C GLU B 187 12.84 -3.82 -28.80
N SER B 188 13.04 -4.02 -27.49
CA SER B 188 14.37 -3.94 -26.92
C SER B 188 15.29 -5.05 -27.46
N LEU B 189 14.73 -6.23 -27.74
CA LEU B 189 15.52 -7.30 -28.34
C LEU B 189 15.93 -6.94 -29.77
N LEU B 190 14.99 -6.42 -30.55
CA LEU B 190 15.32 -5.93 -31.88
C LEU B 190 16.44 -4.92 -31.83
N GLU B 191 16.41 -4.01 -30.83
CA GLU B 191 17.48 -3.01 -30.76
C GLU B 191 18.83 -3.66 -30.46
N GLN B 192 18.88 -4.62 -29.53
CA GLN B 192 20.14 -5.29 -29.22
C GLN B 192 20.73 -5.96 -30.45
N LEU B 193 19.87 -6.59 -31.26
CA LEU B 193 20.37 -7.28 -32.44
C LEU B 193 20.82 -6.30 -33.52
N ALA B 194 20.11 -5.17 -33.67
CA ALA B 194 20.52 -4.20 -34.67
C ALA B 194 21.88 -3.59 -34.30
N LEU B 195 22.11 -3.32 -33.01
CA LEU B 195 23.39 -2.78 -32.58
C LEU B 195 24.50 -3.81 -32.73
N GLU B 196 24.22 -5.07 -32.38
CA GLU B 196 25.22 -6.11 -32.47
C GLU B 196 25.73 -6.28 -33.90
N PHE B 197 24.81 -6.34 -34.86
CA PHE B 197 25.17 -6.69 -36.23
C PHE B 197 25.26 -5.47 -37.14
N GLN B 198 25.29 -4.28 -36.54
CA GLN B 198 25.44 -3.01 -37.26
C GLN B 198 24.53 -2.93 -38.47
N THR B 199 23.23 -3.15 -38.25
CA THR B 199 22.29 -3.15 -39.34
C THR B 199 20.98 -2.55 -38.87
N TRP B 200 20.11 -2.24 -39.81
CA TRP B 200 18.80 -1.67 -39.52
C TRP B 200 17.79 -2.78 -39.27
N VAL B 201 16.83 -2.51 -38.40
CA VAL B 201 15.65 -3.36 -38.24
C VAL B 201 14.55 -2.76 -39.09
N VAL B 202 13.98 -3.55 -40.00
CA VAL B 202 12.86 -3.09 -40.79
C VAL B 202 11.56 -3.44 -40.05
N LEU B 203 10.68 -2.44 -39.95
CA LEU B 203 9.46 -2.51 -39.16
C LEU B 203 8.29 -1.98 -39.97
N SER B 204 7.09 -2.28 -39.49
CA SER B 204 5.89 -1.65 -40.01
C SER B 204 5.78 -0.22 -39.48
N PRO B 205 5.00 0.63 -40.16
CA PRO B 205 4.77 1.97 -39.62
C PRO B 205 4.16 1.97 -38.22
N ARG B 206 3.27 1.03 -37.91
CA ARG B 206 2.70 1.00 -36.56
C ARG B 206 3.77 0.73 -35.51
N ARG B 207 4.73 -0.16 -35.80
CA ARG B 207 5.71 -0.42 -34.75
C ARG B 207 6.74 0.68 -34.66
N LEU B 208 7.00 1.38 -35.76
CA LEU B 208 7.92 2.52 -35.71
C LEU B 208 7.33 3.64 -34.88
N GLU B 209 6.01 3.86 -34.97
CA GLU B 209 5.36 4.83 -34.09
C GLU B 209 5.65 4.53 -32.62
N LEU B 210 5.41 3.28 -32.21
CA LEU B 210 5.61 2.88 -30.82
C LEU B 210 7.07 3.08 -30.40
N VAL B 211 8.01 2.66 -31.25
CA VAL B 211 9.43 2.76 -30.90
C VAL B 211 9.80 4.19 -30.56
N GLN B 212 9.10 5.17 -31.11
CA GLN B 212 9.44 6.55 -30.79
C GLN B 212 9.25 6.86 -29.30
N LEU B 213 8.36 6.13 -28.62
CA LEU B 213 8.07 6.33 -27.21
C LEU B 213 9.11 5.70 -26.29
N LEU B 214 10.04 4.89 -26.82
CA LEU B 214 10.80 3.96 -25.99
C LEU B 214 12.20 4.41 -25.65
N GLY B 215 12.73 5.44 -26.29
CA GLY B 215 14.11 5.84 -26.02
C GLY B 215 15.14 4.82 -26.43
N LEU B 216 14.92 4.12 -27.54
CA LEU B 216 15.88 3.13 -28.02
C LEU B 216 16.79 3.76 -29.06
N ALA B 217 17.91 3.09 -29.35
CA ALA B 217 18.84 3.58 -30.37
C ALA B 217 18.14 3.84 -31.69
N ASP B 218 18.75 4.67 -32.53
CA ASP B 218 18.19 5.04 -33.82
C ASP B 218 18.58 3.97 -34.84
N VAL B 219 17.84 2.85 -34.80
CA VAL B 219 18.23 1.67 -35.58
C VAL B 219 17.03 1.07 -36.29
N PHE B 220 15.91 1.79 -36.35
CA PHE B 220 14.70 1.26 -36.95
C PHE B 220 14.28 2.07 -38.15
N THR B 221 13.70 1.39 -39.14
CA THR B 221 13.26 2.06 -40.36
C THR B 221 12.08 1.29 -40.93
N VAL B 222 11.22 2.01 -41.67
CA VAL B 222 10.20 1.34 -42.49
C VAL B 222 10.69 1.00 -43.89
N GLU B 223 11.87 1.43 -44.29
CA GLU B 223 12.30 1.28 -45.67
C GLU B 223 12.56 -0.18 -45.99
N GLU B 224 11.89 -0.68 -47.02
CA GLU B 224 12.01 -2.08 -47.41
C GLU B 224 13.47 -2.44 -47.67
N LYS B 225 13.89 -3.61 -47.15
CA LYS B 225 15.23 -4.18 -47.37
C LYS B 225 16.36 -3.26 -46.92
N ALA B 226 16.07 -2.24 -46.12
CA ALA B 226 17.12 -1.34 -45.64
C ALA B 226 18.08 -1.99 -44.65
N GLY B 227 17.69 -3.08 -44.00
CA GLY B 227 18.60 -3.79 -43.11
C GLY B 227 18.32 -5.28 -43.15
N ARG B 228 19.13 -6.02 -42.37
CA ARG B 228 19.09 -7.48 -42.39
C ARG B 228 18.06 -8.09 -41.46
N ILE B 229 17.64 -7.37 -40.43
CA ILE B 229 16.70 -7.86 -39.43
C ILE B 229 15.31 -7.33 -39.79
N HIS B 230 14.36 -8.24 -39.95
CA HIS B 230 13.00 -7.89 -40.35
C HIS B 230 12.06 -8.32 -39.25
N ALA B 231 11.37 -7.35 -38.64
CA ALA B 231 10.33 -7.68 -37.67
C ALA B 231 9.06 -8.08 -38.42
N VAL B 232 8.55 -9.27 -38.16
CA VAL B 232 7.35 -9.75 -38.83
C VAL B 232 6.36 -10.26 -37.80
N ASP B 233 5.11 -10.39 -38.20
CA ASP B 233 4.14 -11.05 -37.34
C ASP B 233 4.56 -12.50 -37.14
N HIS B 234 4.41 -12.99 -35.91
CA HIS B 234 4.89 -14.33 -35.60
C HIS B 234 4.18 -15.39 -36.44
N MET B 235 2.94 -15.13 -36.85
CA MET B 235 2.25 -16.12 -37.68
C MET B 235 2.86 -16.24 -39.07
N GLU B 236 3.65 -15.26 -39.49
CA GLU B 236 4.27 -15.33 -40.81
C GLU B 236 5.39 -16.36 -40.88
N ILE B 237 5.90 -16.82 -39.74
CA ILE B 237 7.03 -17.77 -39.70
C ILE B 237 6.44 -19.16 -39.94
N CYS B 238 6.56 -19.66 -41.16
CA CYS B 238 6.07 -20.99 -41.53
C CYS B 238 6.90 -21.50 -42.70
N HIS B 239 6.75 -22.81 -42.95
CA HIS B 239 7.50 -23.46 -44.03
C HIS B 239 7.23 -22.77 -45.36
N SER B 240 5.95 -22.46 -45.64
CA SER B 240 5.59 -21.88 -46.93
C SER B 240 6.34 -20.55 -47.18
N ASN B 241 6.39 -19.70 -46.17
CA ASN B 241 7.06 -18.41 -46.34
C ASN B 241 8.58 -18.57 -46.42
N MET B 242 9.17 -19.57 -45.77
CA MET B 242 10.60 -19.79 -45.98
C MET B 242 10.88 -20.06 -47.46
N LEU B 243 9.98 -20.79 -48.12
CA LEU B 243 10.21 -21.10 -49.53
C LEU B 243 10.01 -19.87 -50.41
N ARG B 244 9.14 -18.93 -50.00
CA ARG B 244 9.00 -17.70 -50.76
C ARG B 244 10.15 -16.74 -50.49
N TRP B 245 10.48 -16.54 -49.21
CA TRP B 245 11.57 -15.63 -48.87
C TRP B 245 12.87 -16.04 -49.57
N ASN B 246 13.15 -17.35 -49.60
CA ASN B 246 14.40 -17.82 -50.17
C ASN B 246 14.50 -17.63 -51.69
N GLN B 247 13.38 -17.33 -52.37
CA GLN B 247 13.48 -16.97 -53.78
C GLN B 247 14.03 -15.57 -53.99
N THR B 248 14.22 -14.77 -52.93
CA THR B 248 14.83 -13.46 -53.14
C THR B 248 16.17 -13.30 -52.43
N HIS B 249 16.39 -13.99 -51.31
CA HIS B 249 17.55 -13.76 -50.45
C HIS B 249 17.60 -14.87 -49.42
N PRO B 250 18.78 -15.39 -49.10
CA PRO B 250 18.84 -16.43 -48.06
C PRO B 250 18.32 -15.89 -46.71
N THR B 251 17.48 -16.69 -46.06
CA THR B 251 16.64 -16.25 -44.95
C THR B 251 16.62 -17.30 -43.86
N ILE B 252 16.79 -16.87 -42.61
CA ILE B 252 16.44 -17.68 -41.45
C ILE B 252 15.36 -16.93 -40.68
N ALA B 253 14.65 -17.66 -39.83
CA ALA B 253 13.54 -17.10 -39.06
C ALA B 253 13.63 -17.54 -37.62
N ILE B 254 13.36 -16.61 -36.71
CA ILE B 254 13.50 -16.86 -35.28
C ILE B 254 12.19 -16.49 -34.60
N LEU B 255 11.69 -17.40 -33.79
CA LEU B 255 10.51 -17.17 -32.95
C LEU B 255 11.02 -17.13 -31.52
N PRO B 256 11.20 -15.94 -30.95
CA PRO B 256 11.62 -15.87 -29.55
C PRO B 256 10.43 -16.03 -28.62
N THR B 257 10.23 -17.21 -28.06
CA THR B 257 9.00 -17.48 -27.31
C THR B 257 9.23 -18.67 -26.39
N SER B 258 8.53 -18.69 -25.26
CA SER B 258 8.46 -19.87 -24.41
C SER B 258 7.49 -20.93 -24.93
N ARG B 259 6.65 -20.59 -25.90
CA ARG B 259 5.71 -21.57 -26.42
C ARG B 259 6.44 -22.74 -27.07
N LYS B 260 5.88 -23.94 -26.94
CA LYS B 260 6.43 -25.13 -27.56
C LYS B 260 6.00 -25.18 -29.03
N ILE B 261 6.94 -24.94 -29.95
CA ILE B 261 6.63 -24.82 -31.37
C ILE B 261 7.56 -25.75 -32.14
N HIS B 262 7.00 -26.78 -32.76
CA HIS B 262 7.78 -27.63 -33.64
C HIS B 262 8.31 -26.82 -34.82
N SER B 263 9.60 -26.94 -35.10
CA SER B 263 10.20 -26.27 -36.26
C SER B 263 9.94 -27.09 -37.52
N SER B 264 9.25 -26.48 -38.50
CA SER B 264 8.89 -27.19 -39.71
C SER B 264 9.88 -26.99 -40.85
N HIS B 265 10.95 -26.23 -40.64
CA HIS B 265 11.90 -25.97 -41.71
C HIS B 265 13.23 -25.86 -40.99
N PRO B 266 14.33 -26.32 -41.60
CA PRO B 266 15.60 -26.31 -40.87
C PRO B 266 16.07 -24.92 -40.48
N ASP B 267 15.62 -23.89 -41.18
CA ASP B 267 16.06 -22.53 -40.89
C ASP B 267 15.05 -21.74 -40.06
N ILE B 268 14.06 -22.40 -39.48
CA ILE B 268 13.17 -21.80 -38.50
C ILE B 268 13.65 -22.20 -37.12
N HIS B 269 13.98 -21.22 -36.28
CA HIS B 269 14.54 -21.51 -34.96
C HIS B 269 13.62 -20.96 -33.87
N VAL B 270 13.30 -21.80 -32.89
CA VAL B 270 12.46 -21.39 -31.75
C VAL B 270 13.37 -21.33 -30.53
N ILE B 271 13.49 -20.15 -29.95
CA ILE B 271 14.47 -19.89 -28.89
C ILE B 271 13.71 -19.36 -27.68
N PRO B 272 13.86 -19.95 -26.49
CA PRO B 272 12.94 -19.65 -25.40
C PRO B 272 13.16 -18.31 -24.69
N TYR B 273 13.18 -17.23 -25.48
CA TYR B 273 13.04 -15.88 -24.95
C TYR B 273 11.58 -15.66 -24.52
N SER B 274 11.34 -15.12 -23.32
CA SER B 274 9.97 -15.02 -22.83
C SER B 274 9.73 -13.71 -22.12
N ASP B 275 8.51 -13.17 -22.26
CA ASP B 275 8.12 -11.96 -21.55
C ASP B 275 7.25 -12.25 -20.34
N HIS B 276 7.17 -13.51 -19.91
CA HIS B 276 6.48 -13.89 -18.69
C HIS B 276 7.49 -14.56 -17.77
N SER B 277 7.29 -14.33 -16.47
CA SER B 277 8.03 -15.02 -15.43
C SER B 277 8.00 -16.53 -15.59
N SER B 278 9.18 -17.15 -15.44
CA SER B 278 9.26 -18.59 -15.36
C SER B 278 8.71 -19.09 -14.01
N TYR B 279 8.48 -20.41 -13.94
CA TYR B 279 8.01 -21.02 -12.70
C TYR B 279 8.96 -20.73 -11.53
N SER B 280 10.26 -20.90 -11.76
CA SER B 280 11.20 -20.67 -10.68
C SER B 280 11.20 -19.20 -10.28
N GLU B 281 11.03 -18.29 -11.25
CA GLU B 281 10.93 -16.86 -10.92
C GLU B 281 9.66 -16.55 -10.15
N LEU B 282 8.53 -17.16 -10.53
CA LEU B 282 7.31 -17.01 -9.73
C LEU B 282 7.52 -17.49 -8.30
N ARG B 283 8.23 -18.61 -8.12
CA ARG B 283 8.45 -19.11 -6.77
C ARG B 283 9.25 -18.12 -5.94
N ALA B 284 10.33 -17.58 -6.52
CA ALA B 284 11.12 -16.57 -5.82
C ALA B 284 10.29 -15.34 -5.49
N PHE B 285 9.56 -14.84 -6.49
CA PHE B 285 8.73 -13.66 -6.32
C PHE B 285 7.73 -13.87 -5.17
N VAL B 286 7.00 -14.99 -5.20
CA VAL B 286 5.97 -15.16 -4.17
C VAL B 286 6.60 -15.39 -2.80
N ALA B 287 7.67 -16.17 -2.72
CA ALA B 287 8.32 -16.40 -1.44
C ALA B 287 8.82 -15.10 -0.81
N ALA B 288 9.29 -14.16 -1.63
CA ALA B 288 9.75 -12.88 -1.08
C ALA B 288 8.57 -12.07 -0.55
N LEU B 289 7.48 -12.02 -1.30
CA LEU B 289 6.34 -11.18 -0.93
C LEU B 289 5.46 -11.78 0.18
N LYS B 290 5.41 -13.10 0.32
CA LYS B 290 4.60 -13.76 1.34
C LYS B 290 3.18 -13.21 1.44
N PRO B 291 2.43 -13.17 0.34
CA PRO B 291 1.06 -12.67 0.41
C PRO B 291 0.18 -13.61 1.21
N CYS B 292 -0.99 -13.11 1.61
CA CYS B 292 -1.94 -13.99 2.27
C CYS B 292 -2.56 -14.97 1.30
N GLN B 293 -2.66 -14.60 0.03
CA GLN B 293 -3.18 -15.56 -0.92
C GLN B 293 -2.73 -15.14 -2.32
N VAL B 294 -2.71 -16.13 -3.21
CA VAL B 294 -2.35 -15.95 -4.61
C VAL B 294 -3.56 -16.33 -5.45
N VAL B 295 -3.92 -15.47 -6.39
CA VAL B 295 -5.04 -15.71 -7.29
C VAL B 295 -4.51 -15.61 -8.72
N PRO B 296 -4.67 -16.65 -9.55
CA PRO B 296 -4.15 -16.58 -10.91
C PRO B 296 -4.91 -15.58 -11.75
N ILE B 297 -4.16 -14.85 -12.58
CA ILE B 297 -4.81 -13.99 -13.55
C ILE B 297 -5.23 -14.77 -14.81
N VAL B 298 -4.47 -15.79 -15.20
CA VAL B 298 -4.72 -16.51 -16.44
C VAL B 298 -5.58 -17.73 -16.11
N SER B 299 -6.88 -17.62 -16.37
CA SER B 299 -7.84 -18.64 -15.91
C SER B 299 -7.58 -20.03 -16.53
N ARG B 300 -7.13 -20.08 -17.76
CA ARG B 300 -7.01 -21.38 -18.44
C ARG B 300 -5.69 -22.07 -18.16
N ARG B 301 -4.83 -21.52 -17.31
CA ARG B 301 -3.53 -22.12 -17.06
C ARG B 301 -3.36 -22.50 -15.59
N PRO B 302 -2.46 -23.43 -15.31
CA PRO B 302 -2.26 -23.87 -13.94
C PRO B 302 -1.63 -22.79 -13.08
N CYS B 303 -1.89 -22.90 -11.79
CA CYS B 303 -1.29 -22.05 -10.78
C CYS B 303 -1.11 -22.90 -9.54
N GLY B 304 0.11 -23.03 -9.05
CA GLY B 304 0.37 -23.88 -7.90
C GLY B 304 1.83 -23.77 -7.50
N GLY B 305 2.10 -24.23 -6.27
CA GLY B 305 3.44 -24.22 -5.74
C GLY B 305 3.76 -23.13 -4.75
N PHE B 306 2.75 -22.38 -4.29
CA PHE B 306 2.95 -21.25 -3.39
C PHE B 306 2.33 -21.44 -2.02
N GLN B 307 1.71 -22.59 -1.75
CA GLN B 307 1.05 -22.85 -0.47
C GLN B 307 1.93 -22.48 0.71
N ASP B 308 3.19 -22.92 0.69
CA ASP B 308 4.12 -22.70 1.78
C ASP B 308 4.76 -21.32 1.77
N SER B 309 4.35 -20.47 0.83
CA SER B 309 4.87 -19.11 0.76
C SER B 309 3.91 -18.06 1.30
N LEU B 310 2.73 -18.46 1.77
CA LEU B 310 1.70 -17.50 2.17
C LEU B 310 1.84 -17.08 3.63
N SER B 311 1.40 -15.86 3.93
CA SER B 311 1.24 -15.43 5.29
C SER B 311 -0.12 -15.90 5.82
N PRO B 312 -0.28 -15.99 7.14
CA PRO B 312 -1.57 -16.40 7.69
C PRO B 312 -2.73 -15.58 7.15
N ARG B 313 -3.81 -16.27 6.81
CA ARG B 313 -4.96 -15.63 6.16
C ARG B 313 -5.59 -14.59 7.08
N ILE B 314 -6.15 -13.55 6.45
CA ILE B 314 -6.84 -12.48 7.15
C ILE B 314 -8.28 -12.44 6.70
N SER B 315 -9.18 -12.04 7.61
CA SER B 315 -10.59 -12.07 7.27
C SER B 315 -10.92 -11.01 6.23
N VAL B 316 -11.96 -11.27 5.45
CA VAL B 316 -12.38 -10.38 4.38
C VAL B 316 -12.82 -9.04 4.96
N PRO B 317 -12.16 -7.94 4.61
CA PRO B 317 -12.53 -6.64 5.17
C PRO B 317 -13.96 -6.27 4.81
N LEU B 318 -14.61 -5.58 5.74
CA LEU B 318 -15.94 -5.08 5.48
C LEU B 318 -15.89 -3.94 4.47
N ILE B 319 -16.91 -3.86 3.63
CA ILE B 319 -17.02 -2.76 2.68
C ILE B 319 -17.56 -1.53 3.41
N PRO B 320 -16.93 -0.37 3.31
CA PRO B 320 -17.48 0.84 3.93
C PRO B 320 -18.84 1.18 3.35
N ASP B 321 -19.74 1.62 4.23
CA ASP B 321 -21.06 2.06 3.84
C ASP B 321 -21.04 2.88 2.56
N SER B 322 -20.14 3.87 2.46
CA SER B 322 -20.19 4.78 1.32
C SER B 322 -19.80 4.07 0.04
N VAL B 323 -18.94 3.07 0.12
CA VAL B 323 -18.56 2.36 -1.10
C VAL B 323 -19.67 1.41 -1.52
N GLN B 324 -20.36 0.81 -0.55
CA GLN B 324 -21.55 0.03 -0.87
C GLN B 324 -22.54 0.86 -1.70
N GLN B 325 -22.80 2.09 -1.26
CA GLN B 325 -23.71 2.96 -2.01
C GLN B 325 -23.19 3.22 -3.41
N TYR B 326 -21.89 3.47 -3.54
CA TYR B 326 -21.31 3.76 -4.86
C TYR B 326 -21.44 2.55 -5.80
N MET B 327 -21.32 1.34 -5.26
CA MET B 327 -21.40 0.14 -6.09
C MET B 327 -22.82 -0.29 -6.39
N SER B 328 -23.83 0.37 -5.80
CA SER B 328 -25.19 -0.07 -6.02
C SER B 328 -25.70 0.38 -7.39
N SER B 329 -26.81 -0.22 -7.81
CA SER B 329 -27.46 0.10 -9.08
C SER B 329 -28.97 0.09 -8.91
N SER B 330 -29.64 1.13 -9.40
CA SER B 330 -31.10 1.16 -9.35
C SER B 330 -31.71 0.00 -10.12
N SER B 331 -30.98 -0.58 -11.06
CA SER B 331 -31.47 -1.73 -11.80
C SER B 331 -31.60 -2.96 -10.92
N ARG B 332 -30.91 -2.98 -9.77
CA ARG B 332 -31.02 -4.07 -8.81
C ARG B 332 -31.91 -3.70 -7.63
N LYS B 333 -32.84 -2.79 -7.84
CA LYS B 333 -33.82 -2.39 -6.85
C LYS B 333 -35.20 -2.43 -7.49
N PRO B 334 -36.24 -2.54 -6.69
CA PRO B 334 -37.60 -2.68 -7.23
C PRO B 334 -38.16 -1.34 -7.71
N SER B 335 -39.37 -1.41 -8.28
CA SER B 335 -40.09 -0.25 -8.83
C SER B 335 -39.58 0.07 -10.23
#